data_6NBE
#
_entry.id   6NBE
#
_cell.length_a   104.469
_cell.length_b   115.886
_cell.length_c   132.488
_cell.angle_alpha   90.000
_cell.angle_beta   90.000
_cell.angle_gamma   90.000
#
_symmetry.space_group_name_H-M   'C 2 2 21'
#
loop_
_entity.id
_entity.type
_entity.pdbx_description
1 polymer 'Actin, alpha skeletal muscle'
2 polymer 'N-alpha-acetyltransferase 80'
3 polymer Profilin-1
4 non-polymer 'CALCIUM ION'
5 non-polymer "ADENOSINE-5'-TRIPHOSPHATE"
6 non-polymer 'LATRUNCULIN B'
7 non-polymer GLYCEROL
8 non-polymer 'COENZYME A'
9 non-polymer '2-(N-MORPHOLINO)-ETHANESULFONIC ACID'
10 water water
#
loop_
_entity_poly.entity_id
_entity_poly.type
_entity_poly.pdbx_seq_one_letter_code
_entity_poly.pdbx_strand_id
1 'polypeptide(L)'
;(KKD)EDETTALVCDNGSGLVKAGFAGDDAPRAVFPSIVGRPRHQGVMVGMGQKDSYVGDEAQSKRGILTLKYPIE
(HIC)GIITNWDDMEKIWHHTFYNELRVAPEEHPTLLTEAPLNPKANREKMTQIMFETFNVPAMYVAIQAVLSLYASGRT
TGIVLDSGDGVTHNVPIYEGYALPHAIMRLDLAGRDLTDYLMKILTERGYSFVTTAEREIVRDIKEKLCYVALDFENEMA
TAASSSSLEKSYELPDGQVITIGNERFRCPETLFQPSFIGMESAGIHETTYNSIMKCDIDIRKDLYANNVMSGGTTMYPG
IADRMQKEITALAPSTMKIKIIAPPERKYSVWIGGSILASLSTFQQMWITKQEYDEAGPSIVHRKCF
;
A
2 'polypeptide(L)'
;AGHMSLAELTLEPVHRRPELLDACADLINDQWPRSRTSRLHSLGQSSDAFPLCLMLLSPHPTLEAAPVVVGHARLSRVLN
QPQSLLVETVVVARALRGRGFGRRLMEGLEVFARARGFRKLHLTTHDQVHFYTHLGYQLGEPVQGLVFTSRRLPATLLNA
FPTAPSPRPPRKAPNLTAQAAPRGPKGPPLPPPPPLPECLTISPPVPSGPPSKSLLETQYQNVRGRPIFWMEKDI
;
N
3 'polypeptide(L)'
;MAGWNAYIDNLMADGTCQDAAIVGYKDSPSVWAAVPGKTFVNITPAEVGVLVGKDRSSFYVNGLTLGGQKCSVIRDSLLQ
DGEFSMDLRTKSTGGAPTFNVTVTKTDKTLVLLMGKEGVHGGLINKKCYEMASHLRRSQY
;
P
#
# COMPACT_ATOMS: atom_id res chain seq x y z
N GLU A 2 14.19 -15.23 15.27
CA GLU A 2 14.46 -14.54 14.01
C GLU A 2 13.45 -13.42 13.76
N ASP A 3 13.93 -12.27 13.30
CA ASP A 3 13.05 -11.18 12.95
C ASP A 3 12.20 -11.58 11.74
N GLU A 4 11.06 -10.90 11.59
CA GLU A 4 10.17 -11.19 10.47
C GLU A 4 10.65 -10.47 9.22
N THR A 5 10.45 -11.11 8.07
CA THR A 5 10.92 -10.54 6.82
C THR A 5 10.17 -9.25 6.51
N THR A 6 10.85 -8.34 5.83
CA THR A 6 10.25 -7.09 5.39
C THR A 6 9.26 -7.37 4.27
N ALA A 7 8.12 -6.66 4.31
CA ALA A 7 7.11 -6.84 3.28
C ALA A 7 7.61 -6.36 1.93
N LEU A 8 7.10 -6.98 0.87
CA LEU A 8 7.32 -6.50 -0.49
C LEU A 8 6.17 -5.57 -0.89
N VAL A 9 6.49 -4.62 -1.75
CA VAL A 9 5.52 -3.70 -2.33
C VAL A 9 5.64 -3.83 -3.84
N CYS A 10 4.55 -4.22 -4.49
CA CYS A 10 4.51 -4.37 -5.94
C CYS A 10 3.38 -3.54 -6.51
N ASP A 11 3.72 -2.57 -7.36
CA ASP A 11 2.75 -1.66 -7.99
C ASP A 11 2.70 -2.00 -9.48
N ASN A 12 1.64 -2.68 -9.90
CA ASN A 12 1.49 -3.16 -11.26
C ASN A 12 0.71 -2.15 -12.09
N GLY A 13 1.38 -1.55 -13.07
CA GLY A 13 0.78 -0.58 -13.96
C GLY A 13 0.60 -1.13 -15.36
N SER A 14 -0.18 -0.40 -16.16
CA SER A 14 -0.37 -0.81 -17.55
C SER A 14 0.95 -0.86 -18.29
N GLY A 15 1.86 0.05 -17.99
CA GLY A 15 3.12 0.14 -18.70
C GLY A 15 4.31 -0.29 -17.88
N LEU A 16 4.39 0.10 -16.61
CA LEU A 16 5.56 -0.16 -15.80
C LEU A 16 5.20 -0.87 -14.51
N VAL A 17 6.04 -1.84 -14.13
CA VAL A 17 6.00 -2.43 -12.79
C VAL A 17 7.03 -1.70 -11.92
N LYS A 18 6.64 -1.38 -10.68
CA LYS A 18 7.54 -0.83 -9.68
C LYS A 18 7.49 -1.78 -8.49
N ALA A 19 8.65 -2.29 -8.07
CA ALA A 19 8.68 -3.28 -7.00
C ALA A 19 9.83 -3.00 -6.04
N GLY A 20 9.63 -3.36 -4.78
CA GLY A 20 10.65 -3.13 -3.78
C GLY A 20 10.22 -3.59 -2.40
N PHE A 21 10.91 -3.04 -1.40
CA PHE A 21 10.74 -3.42 -0.01
C PHE A 21 10.06 -2.31 0.77
N ALA A 22 9.09 -2.69 1.60
CA ALA A 22 8.41 -1.74 2.45
C ALA A 22 9.39 -1.03 3.38
N GLY A 23 9.23 0.28 3.51
CA GLY A 23 10.11 1.12 4.26
C GLY A 23 11.19 1.80 3.44
N ASP A 24 11.52 1.26 2.27
CA ASP A 24 12.47 1.92 1.39
C ASP A 24 11.82 3.15 0.77
N ASP A 25 12.63 4.12 0.38
CA ASP A 25 12.10 5.36 -0.16
C ASP A 25 11.99 5.32 -1.68
N ALA A 26 12.40 4.24 -2.33
CA ALA A 26 12.29 4.09 -3.77
C ALA A 26 12.22 2.62 -4.13
N PRO A 27 11.53 2.27 -5.22
CA PRO A 27 11.49 0.86 -5.62
C PRO A 27 12.88 0.40 -6.05
N ARG A 28 13.16 -0.87 -5.78
CA ARG A 28 14.41 -1.46 -6.23
C ARG A 28 14.38 -1.77 -7.71
N ALA A 29 13.21 -2.05 -8.28
CA ALA A 29 13.11 -2.46 -9.67
C ALA A 29 11.93 -1.76 -10.34
N VAL A 30 12.19 -1.20 -11.52
CA VAL A 30 11.17 -0.60 -12.37
C VAL A 30 11.40 -1.18 -13.76
N PHE A 31 10.40 -1.86 -14.31
CA PHE A 31 10.58 -2.58 -15.56
C PHE A 31 9.25 -2.66 -16.30
N PRO A 32 9.29 -2.88 -17.61
CA PRO A 32 8.05 -2.80 -18.39
C PRO A 32 7.14 -4.01 -18.17
N SER A 33 5.83 -3.73 -18.10
CA SER A 33 4.81 -4.74 -17.86
C SER A 33 4.41 -5.35 -19.21
N ILE A 34 5.33 -6.16 -19.74
CA ILE A 34 5.17 -6.72 -21.08
C ILE A 34 5.58 -8.18 -21.10
N VAL A 35 4.93 -8.94 -21.97
CA VAL A 35 5.35 -10.29 -22.34
C VAL A 35 5.47 -10.32 -23.87
N GLY A 36 6.63 -10.77 -24.36
CA GLY A 36 6.93 -10.77 -25.78
C GLY A 36 6.93 -12.18 -26.34
N ARG A 37 6.55 -12.31 -27.60
CA ARG A 37 6.55 -13.59 -28.29
C ARG A 37 7.13 -13.41 -29.68
N PRO A 38 7.75 -14.45 -30.23
CA PRO A 38 8.40 -14.31 -31.55
C PRO A 38 7.44 -13.74 -32.58
N ARG A 39 7.88 -12.70 -33.28
CA ARG A 39 7.07 -12.14 -34.35
C ARG A 39 6.69 -13.21 -35.36
N HIS A 40 7.70 -13.83 -35.96
CA HIS A 40 7.53 -14.95 -36.87
C HIS A 40 8.54 -16.03 -36.47
N GLN A 41 9.80 -15.79 -36.80
CA GLN A 41 10.88 -16.73 -36.55
C GLN A 41 12.10 -16.01 -35.99
N MET A 47 15.04 -24.40 -31.78
CA MET A 47 13.85 -23.70 -31.29
C MET A 47 14.06 -22.19 -31.48
N GLY A 48 13.69 -21.40 -30.49
CA GLY A 48 14.04 -20.00 -30.44
C GLY A 48 14.86 -19.74 -29.20
N GLN A 49 14.40 -20.31 -28.09
CA GLN A 49 15.06 -20.31 -26.79
C GLN A 49 13.95 -20.34 -25.72
N LYS A 50 12.90 -19.55 -25.95
CA LYS A 50 11.76 -19.50 -25.05
C LYS A 50 10.48 -19.28 -25.85
N ASP A 51 9.38 -19.83 -25.36
CA ASP A 51 8.09 -19.60 -25.98
C ASP A 51 7.55 -18.20 -25.67
N SER A 52 8.07 -17.54 -24.63
CA SER A 52 7.70 -16.16 -24.34
C SER A 52 8.82 -15.54 -23.52
N TYR A 53 8.86 -14.20 -23.53
CA TYR A 53 9.89 -13.42 -22.85
C TYR A 53 9.19 -12.34 -22.03
N VAL A 54 9.75 -12.01 -20.87
CA VAL A 54 9.05 -11.20 -19.87
C VAL A 54 9.89 -9.99 -19.49
N GLY A 55 9.21 -8.86 -19.33
CA GLY A 55 9.82 -7.72 -18.68
C GLY A 55 11.03 -7.21 -19.40
N ASP A 56 12.14 -7.09 -18.66
CA ASP A 56 13.35 -6.52 -19.25
C ASP A 56 13.95 -7.42 -20.32
N GLU A 57 13.67 -8.72 -20.29
CA GLU A 57 14.16 -9.58 -21.36
C GLU A 57 13.38 -9.36 -22.65
N ALA A 58 12.06 -9.16 -22.55
CA ALA A 58 11.27 -8.80 -23.71
C ALA A 58 11.72 -7.46 -24.27
N GLN A 59 12.02 -6.52 -23.38
CA GLN A 59 12.56 -5.23 -23.80
C GLN A 59 13.85 -5.39 -24.59
N SER A 60 14.79 -6.18 -24.05
CA SER A 60 16.06 -6.36 -24.75
C SER A 60 15.86 -6.96 -26.14
N LYS A 61 14.91 -7.89 -26.28
CA LYS A 61 14.69 -8.61 -27.51
C LYS A 61 13.50 -8.10 -28.30
N ARG A 62 13.04 -6.87 -28.02
CA ARG A 62 11.82 -6.38 -28.65
CA ARG A 62 11.83 -6.37 -28.65
C ARG A 62 11.92 -6.33 -30.17
N GLY A 63 13.13 -6.31 -30.73
CA GLY A 63 13.25 -6.22 -32.18
C GLY A 63 12.65 -7.41 -32.90
N ILE A 64 12.66 -8.58 -32.26
CA ILE A 64 12.17 -9.81 -32.87
C ILE A 64 10.88 -10.28 -32.25
N LEU A 65 10.22 -9.43 -31.44
CA LEU A 65 9.07 -9.86 -30.68
C LEU A 65 7.86 -8.98 -30.93
N THR A 66 6.69 -9.58 -30.80
CA THR A 66 5.43 -8.90 -30.62
C THR A 66 5.17 -8.77 -29.13
N LEU A 67 4.90 -7.55 -28.67
CA LEU A 67 4.75 -7.27 -27.25
C LEU A 67 3.28 -7.18 -26.86
N LYS A 68 2.92 -7.82 -25.76
CA LYS A 68 1.58 -7.72 -25.19
C LYS A 68 1.66 -7.16 -23.79
N TYR A 69 0.66 -6.36 -23.44
CA TYR A 69 0.55 -5.74 -22.13
C TYR A 69 -0.52 -6.47 -21.35
N PRO A 70 -0.18 -7.26 -20.32
CA PRO A 70 -1.22 -8.01 -19.62
C PRO A 70 -2.21 -7.15 -18.88
N ILE A 71 -1.86 -5.89 -18.59
CA ILE A 71 -2.75 -4.96 -17.93
C ILE A 71 -3.17 -3.90 -18.94
N GLU A 72 -4.48 -3.72 -19.10
CA GLU A 72 -5.03 -2.72 -20.00
C GLU A 72 -5.87 -1.70 -19.23
N GLY A 74 -5.20 -0.18 -16.70
CA GLY A 74 -5.05 -0.44 -15.28
C GLY A 74 -5.62 -1.74 -14.78
N ILE A 75 -6.31 -2.48 -15.64
CA ILE A 75 -7.04 -3.69 -15.28
C ILE A 75 -6.29 -4.89 -15.85
N ILE A 76 -6.12 -5.93 -15.03
CA ILE A 76 -5.54 -7.17 -15.52
C ILE A 76 -6.52 -7.84 -16.46
N THR A 77 -6.08 -8.10 -17.70
CA THR A 77 -6.92 -8.75 -18.69
C THR A 77 -6.32 -10.03 -19.27
N ASN A 78 -5.04 -10.30 -19.04
CA ASN A 78 -4.41 -11.55 -19.48
C ASN A 78 -3.76 -12.19 -18.26
N TRP A 79 -4.47 -13.15 -17.66
CA TRP A 79 -4.02 -13.70 -16.37
C TRP A 79 -2.83 -14.62 -16.51
N ASP A 80 -2.73 -15.36 -17.62
CA ASP A 80 -1.56 -16.21 -17.83
C ASP A 80 -0.29 -15.38 -17.97
N ASP A 81 -0.36 -14.25 -18.71
CA ASP A 81 0.82 -13.41 -18.85
C ASP A 81 1.08 -12.58 -17.60
N MET A 82 0.02 -12.20 -16.87
CA MET A 82 0.22 -11.49 -15.61
C MET A 82 0.97 -12.36 -14.61
N GLU A 83 0.63 -13.65 -14.56
CA GLU A 83 1.38 -14.58 -13.70
C GLU A 83 2.86 -14.60 -14.09
N LYS A 84 3.16 -14.52 -15.39
CA LYS A 84 4.56 -14.43 -15.80
C LYS A 84 5.20 -13.16 -15.27
N ILE A 85 4.46 -12.05 -15.27
CA ILE A 85 4.99 -10.78 -14.79
C ILE A 85 5.31 -10.89 -13.30
N TRP A 86 4.39 -11.45 -12.52
CA TRP A 86 4.61 -11.60 -11.09
C TRP A 86 5.78 -12.54 -10.82
N HIS A 87 5.85 -13.66 -11.53
CA HIS A 87 7.00 -14.55 -11.39
C HIS A 87 8.31 -13.83 -11.70
N HIS A 88 8.32 -13.07 -12.80
CA HIS A 88 9.50 -12.28 -13.16
C HIS A 88 9.84 -11.26 -12.07
N THR A 89 8.82 -10.64 -11.48
CA THR A 89 9.07 -9.66 -10.41
C THR A 89 9.79 -10.31 -9.23
N PHE A 90 9.26 -11.41 -8.72
CA PHE A 90 9.84 -12.04 -7.54
C PHE A 90 11.24 -12.59 -7.84
N TYR A 91 11.35 -13.42 -8.89
CA TYR A 91 12.53 -14.24 -9.06
C TYR A 91 13.62 -13.59 -9.88
N ASN A 92 13.28 -12.71 -10.81
CA ASN A 92 14.27 -12.12 -11.71
C ASN A 92 14.61 -10.68 -11.37
N GLU A 93 13.64 -9.87 -11.00
CA GLU A 93 13.93 -8.47 -10.69
C GLU A 93 14.33 -8.26 -9.23
N LEU A 94 13.52 -8.75 -8.29
CA LEU A 94 13.87 -8.61 -6.88
C LEU A 94 14.76 -9.74 -6.38
N ARG A 95 14.67 -10.93 -6.98
CA ARG A 95 15.46 -12.10 -6.58
C ARG A 95 15.19 -12.46 -5.11
N VAL A 96 13.90 -12.52 -4.77
CA VAL A 96 13.44 -12.94 -3.46
C VAL A 96 12.63 -14.22 -3.63
N ALA A 97 12.28 -14.84 -2.50
CA ALA A 97 11.38 -15.98 -2.49
C ALA A 97 10.02 -15.50 -2.03
N PRO A 98 8.98 -15.54 -2.88
CA PRO A 98 7.70 -14.95 -2.47
C PRO A 98 7.08 -15.60 -1.25
N GLU A 99 7.32 -16.90 -1.04
CA GLU A 99 6.74 -17.53 0.16
C GLU A 99 7.31 -16.98 1.46
N GLU A 100 8.37 -16.16 1.39
CA GLU A 100 9.00 -15.61 2.58
C GLU A 100 8.53 -14.21 2.93
N HIS A 101 7.71 -13.56 2.09
CA HIS A 101 7.39 -12.16 2.31
C HIS A 101 5.89 -11.90 2.27
N PRO A 102 5.34 -11.22 3.28
CA PRO A 102 4.05 -10.54 3.07
C PRO A 102 4.17 -9.62 1.87
N THR A 103 3.14 -9.58 1.04
CA THR A 103 3.21 -8.87 -0.23
C THR A 103 2.03 -7.91 -0.36
N LEU A 104 2.34 -6.62 -0.46
CA LEU A 104 1.35 -5.60 -0.75
C LEU A 104 1.28 -5.39 -2.26
N LEU A 105 0.09 -5.59 -2.83
CA LEU A 105 -0.18 -5.30 -4.23
C LEU A 105 -1.05 -4.06 -4.34
N THR A 106 -0.97 -3.40 -5.49
CA THR A 106 -1.82 -2.25 -5.81
C THR A 106 -2.84 -2.68 -6.85
N GLU A 107 -3.97 -1.96 -6.88
CA GLU A 107 -5.02 -2.21 -7.83
C GLU A 107 -5.57 -0.88 -8.34
N ALA A 108 -6.14 -0.93 -9.54
CA ALA A 108 -6.78 0.25 -10.09
C ALA A 108 -8.03 0.62 -9.29
N PRO A 109 -8.38 1.90 -9.26
CA PRO A 109 -9.71 2.27 -8.77
C PRO A 109 -10.78 1.50 -9.52
N LEU A 110 -11.81 1.06 -8.78
CA LEU A 110 -12.94 0.33 -9.36
C LEU A 110 -12.52 -1.01 -9.97
N ASN A 111 -11.42 -1.59 -9.49
CA ASN A 111 -10.99 -2.89 -9.97
C ASN A 111 -12.16 -3.89 -9.82
N PRO A 112 -12.53 -4.60 -10.88
CA PRO A 112 -13.69 -5.49 -10.78
C PRO A 112 -13.54 -6.52 -9.67
N LYS A 113 -14.68 -6.91 -9.11
CA LYS A 113 -14.71 -7.81 -7.97
C LYS A 113 -13.99 -9.12 -8.25
N ALA A 114 -14.28 -9.72 -9.41
CA ALA A 114 -13.67 -11.02 -9.70
C ALA A 114 -12.17 -10.91 -9.94
N ASN A 115 -11.69 -9.74 -10.38
CA ASN A 115 -10.25 -9.57 -10.59
C ASN A 115 -9.49 -9.58 -9.27
N ARG A 116 -10.00 -8.84 -8.27
CA ARG A 116 -9.26 -8.80 -7.01
C ARG A 116 -9.32 -10.15 -6.30
N GLU A 117 -10.38 -10.93 -6.50
CA GLU A 117 -10.42 -12.28 -5.95
C GLU A 117 -9.36 -13.16 -6.60
N LYS A 118 -9.24 -13.09 -7.93
CA LYS A 118 -8.30 -13.94 -8.64
C LYS A 118 -6.86 -13.54 -8.32
N MET A 119 -6.61 -12.24 -8.15
CA MET A 119 -5.31 -11.78 -7.66
C MET A 119 -4.98 -12.45 -6.33
N THR A 120 -5.93 -12.41 -5.39
CA THR A 120 -5.73 -13.03 -4.08
C THR A 120 -5.46 -14.51 -4.22
N GLN A 121 -6.27 -15.20 -5.02
CA GLN A 121 -6.10 -16.65 -5.18
C GLN A 121 -4.73 -16.99 -5.73
N ILE A 122 -4.28 -16.26 -6.76
CA ILE A 122 -2.99 -16.55 -7.37
C ILE A 122 -1.86 -16.30 -6.38
N MET A 123 -1.94 -15.22 -5.62
CA MET A 123 -0.86 -14.91 -4.67
C MET A 123 -0.72 -16.00 -3.62
N PHE A 124 -1.85 -16.49 -3.11
CA PHE A 124 -1.81 -17.46 -2.01
C PHE A 124 -1.57 -18.88 -2.52
N GLU A 125 -2.10 -19.24 -3.69
CA GLU A 125 -2.03 -20.61 -4.15
C GLU A 125 -0.90 -20.88 -5.13
N THR A 126 -0.55 -19.92 -5.98
CA THR A 126 0.54 -20.11 -6.93
C THR A 126 1.88 -19.69 -6.34
N PHE A 127 1.95 -18.51 -5.72
CA PHE A 127 3.19 -18.03 -5.15
C PHE A 127 3.31 -18.28 -3.66
N ASN A 128 2.24 -18.73 -3.01
CA ASN A 128 2.29 -19.18 -1.62
CA ASN A 128 2.23 -19.16 -1.61
C ASN A 128 2.81 -18.09 -0.68
N VAL A 129 2.39 -16.85 -0.89
CA VAL A 129 2.81 -15.77 0.00
C VAL A 129 2.23 -16.05 1.39
N PRO A 130 2.88 -15.64 2.47
CA PRO A 130 2.32 -15.87 3.81
C PRO A 130 1.17 -14.93 4.14
N ALA A 131 1.08 -13.80 3.44
CA ALA A 131 0.09 -12.77 3.70
C ALA A 131 0.10 -11.80 2.53
N MET A 132 -1.02 -11.13 2.33
CA MET A 132 -1.07 -10.12 1.26
C MET A 132 -2.15 -9.09 1.57
N TYR A 133 -2.07 -7.98 0.84
CA TYR A 133 -3.02 -6.88 0.95
C TYR A 133 -3.09 -6.22 -0.44
N VAL A 134 -4.26 -5.68 -0.76
CA VAL A 134 -4.47 -5.00 -2.03
C VAL A 134 -4.97 -3.58 -1.74
N ALA A 135 -4.19 -2.58 -2.15
CA ALA A 135 -4.55 -1.19 -1.93
C ALA A 135 -4.77 -0.46 -3.25
N ILE A 136 -5.71 0.48 -3.23
CA ILE A 136 -5.99 1.31 -4.39
C ILE A 136 -4.83 2.26 -4.65
N GLN A 137 -4.36 2.29 -5.91
CA GLN A 137 -3.18 3.05 -6.26
C GLN A 137 -3.28 4.52 -5.84
N ALA A 138 -4.41 5.17 -6.15
CA ALA A 138 -4.54 6.59 -5.83
C ALA A 138 -4.40 6.85 -4.33
N VAL A 139 -4.93 5.95 -3.51
CA VAL A 139 -4.86 6.13 -2.06
C VAL A 139 -3.41 6.16 -1.62
N LEU A 140 -2.60 5.23 -2.16
CA LEU A 140 -1.18 5.20 -1.79
C LEU A 140 -0.48 6.49 -2.17
N SER A 141 -0.81 7.06 -3.33
CA SER A 141 -0.21 8.33 -3.73
C SER A 141 -0.58 9.43 -2.74
N LEU A 142 -1.81 9.41 -2.22
CA LEU A 142 -2.19 10.41 -1.23
C LEU A 142 -1.33 10.28 0.02
N TYR A 143 -1.17 9.06 0.53
CA TYR A 143 -0.27 8.84 1.67
C TYR A 143 1.11 9.43 1.40
N ALA A 144 1.64 9.20 0.20
CA ALA A 144 3.00 9.67 -0.11
C ALA A 144 3.10 11.19 -0.09
N SER A 145 1.98 11.89 -0.27
CA SER A 145 1.96 13.35 -0.16
C SER A 145 1.76 13.81 1.28
N GLY A 146 1.69 12.89 2.23
CA GLY A 146 1.53 13.27 3.63
C GLY A 146 0.13 13.56 4.07
N ARG A 147 -0.87 12.99 3.40
CA ARG A 147 -2.26 13.28 3.68
C ARG A 147 -3.08 12.00 3.67
N THR A 148 -4.29 12.10 4.25
CA THR A 148 -5.26 11.02 4.18
C THR A 148 -6.61 11.46 3.65
N THR A 149 -6.82 12.76 3.41
CA THR A 149 -8.01 13.25 2.73
C THR A 149 -7.59 14.18 1.59
N GLY A 150 -8.25 14.03 0.45
CA GLY A 150 -7.94 14.80 -0.73
C GLY A 150 -8.45 14.04 -1.94
N ILE A 151 -8.25 14.64 -3.11
CA ILE A 151 -8.65 14.01 -4.37
C ILE A 151 -7.44 13.90 -5.28
N VAL A 152 -7.20 12.70 -5.76
CA VAL A 152 -6.01 12.39 -6.54
C VAL A 152 -6.37 12.34 -8.01
N LEU A 153 -5.52 12.93 -8.83
CA LEU A 153 -5.54 12.73 -10.28
C LEU A 153 -4.37 11.82 -10.62
N ASP A 154 -4.65 10.57 -10.94
CA ASP A 154 -3.63 9.57 -11.27
C ASP A 154 -3.72 9.29 -12.76
N SER A 155 -2.71 9.75 -13.51
CA SER A 155 -2.64 9.54 -14.95
C SER A 155 -1.34 8.82 -15.24
N GLY A 156 -1.45 7.62 -15.77
CA GLY A 156 -0.27 6.82 -16.09
C GLY A 156 -0.08 6.60 -17.59
N ASP A 157 0.19 5.38 -17.98
CA ASP A 157 0.39 5.03 -19.36
C ASP A 157 -0.90 4.59 -20.05
N GLY A 158 -1.86 4.03 -19.31
CA GLY A 158 -3.04 3.44 -19.91
C GLY A 158 -4.37 3.98 -19.44
N VAL A 159 -4.40 4.60 -18.26
CA VAL A 159 -5.65 5.07 -17.69
C VAL A 159 -5.41 6.29 -16.81
N THR A 160 -6.44 7.12 -16.69
CA THR A 160 -6.47 8.30 -15.84
C THR A 160 -7.69 8.23 -14.93
N HIS A 161 -7.49 8.44 -13.63
CA HIS A 161 -8.58 8.42 -12.66
C HIS A 161 -8.58 9.68 -11.81
N ASN A 162 -9.78 10.15 -11.46
CA ASN A 162 -9.99 11.09 -10.35
C ASN A 162 -10.50 10.25 -9.17
N VAL A 163 -9.80 10.31 -8.05
CA VAL A 163 -10.19 9.50 -6.89
C VAL A 163 -10.28 10.35 -5.64
N PRO A 164 -11.48 10.66 -5.16
CA PRO A 164 -11.60 11.35 -3.87
C PRO A 164 -11.51 10.34 -2.72
N ILE A 165 -10.86 10.77 -1.64
CA ILE A 165 -10.43 9.89 -0.57
C ILE A 165 -10.71 10.60 0.76
N TYR A 166 -11.36 9.90 1.70
CA TYR A 166 -11.70 10.44 3.02
C TYR A 166 -11.02 9.55 4.07
N GLU A 167 -10.08 10.13 4.81
CA GLU A 167 -9.41 9.44 5.91
C GLU A 167 -8.77 8.14 5.43
N GLY A 168 -8.24 8.17 4.21
CA GLY A 168 -7.58 7.03 3.64
C GLY A 168 -8.48 6.07 2.89
N TYR A 169 -9.77 6.35 2.79
CA TYR A 169 -10.71 5.47 2.12
C TYR A 169 -11.20 6.11 0.83
N ALA A 170 -10.89 5.44 -0.29
CA ALA A 170 -11.43 5.85 -1.58
C ALA A 170 -12.94 5.79 -1.55
N LEU A 171 -13.58 6.71 -2.28
CA LEU A 171 -15.04 6.81 -2.33
C LEU A 171 -15.49 6.35 -3.71
N PRO A 172 -15.78 5.06 -3.88
CA PRO A 172 -15.95 4.54 -5.25
C PRO A 172 -17.09 5.19 -6.01
N HIS A 173 -18.16 5.64 -5.35
CA HIS A 173 -19.28 6.20 -6.10
C HIS A 173 -18.88 7.48 -6.83
N ALA A 174 -17.82 8.15 -6.39
CA ALA A 174 -17.39 9.42 -6.98
C ALA A 174 -16.17 9.29 -7.88
N ILE A 175 -15.64 8.08 -8.06
CA ILE A 175 -14.43 7.91 -8.84
C ILE A 175 -14.74 8.11 -10.32
N MET A 176 -13.88 8.84 -11.02
CA MET A 176 -14.01 9.06 -12.45
C MET A 176 -12.87 8.38 -13.18
N ARG A 177 -13.18 7.73 -14.30
CA ARG A 177 -12.22 7.03 -15.11
C ARG A 177 -12.22 7.61 -16.51
N LEU A 178 -11.03 7.81 -17.07
CA LEU A 178 -10.85 8.33 -18.42
C LEU A 178 -9.83 7.45 -19.12
N ASP A 179 -10.23 6.83 -20.23
CA ASP A 179 -9.36 5.92 -20.96
C ASP A 179 -8.44 6.70 -21.89
N LEU A 180 -7.73 7.65 -21.33
CA LEU A 180 -6.77 8.50 -22.06
C LEU A 180 -5.59 8.71 -21.11
N ALA A 181 -4.39 8.35 -21.56
CA ALA A 181 -3.22 8.50 -20.70
C ALA A 181 -1.99 8.57 -21.58
N GLY A 182 -0.82 8.24 -20.99
CA GLY A 182 0.44 8.57 -21.64
C GLY A 182 0.66 7.92 -22.99
N ARG A 183 0.24 6.68 -23.13
CA ARG A 183 0.45 6.01 -24.42
C ARG A 183 -0.36 6.69 -25.53
N ASP A 184 -1.57 7.14 -25.20
CA ASP A 184 -2.37 7.86 -26.19
C ASP A 184 -1.71 9.19 -26.57
N LEU A 185 -1.13 9.88 -25.59
CA LEU A 185 -0.44 11.13 -25.90
C LEU A 185 0.76 10.87 -26.79
N THR A 186 1.49 9.78 -26.55
CA THR A 186 2.58 9.41 -27.44
C THR A 186 2.04 9.15 -28.85
N ASP A 187 0.97 8.34 -28.97
CA ASP A 187 0.40 8.06 -30.28
C ASP A 187 -0.02 9.35 -30.97
N TYR A 188 -0.58 10.29 -30.21
CA TYR A 188 -1.01 11.56 -30.79
C TYR A 188 0.19 12.36 -31.30
N LEU A 189 1.28 12.39 -30.52
CA LEU A 189 2.47 13.12 -30.95
C LEU A 189 3.05 12.49 -32.21
N MET A 190 3.04 11.16 -32.31
CA MET A 190 3.48 10.51 -33.54
C MET A 190 2.69 11.04 -34.72
N LYS A 191 1.38 11.10 -34.55
CA LYS A 191 0.48 11.51 -35.62
C LYS A 191 0.77 12.94 -36.05
N ILE A 192 0.84 13.87 -35.09
CA ILE A 192 0.94 15.26 -35.51
C ILE A 192 2.36 15.61 -35.93
N LEU A 193 3.37 14.88 -35.43
CA LEU A 193 4.71 15.02 -35.97
C LEU A 193 4.74 14.58 -37.43
N THR A 194 3.98 13.53 -37.74
CA THR A 194 3.87 13.08 -39.12
C THR A 194 3.20 14.14 -39.98
N GLU A 195 2.19 14.80 -39.45
CA GLU A 195 1.58 15.93 -40.12
C GLU A 195 2.53 17.11 -40.27
N ARG A 196 3.66 17.13 -39.56
CA ARG A 196 4.66 18.18 -39.73
C ARG A 196 5.71 17.83 -40.79
N GLY A 197 5.67 16.63 -41.36
CA GLY A 197 6.65 16.23 -42.35
C GLY A 197 7.50 15.02 -41.98
N TYR A 198 7.47 14.58 -40.73
CA TYR A 198 8.26 13.43 -40.30
C TYR A 198 7.46 12.15 -40.49
N SER A 199 8.09 11.02 -40.20
CA SER A 199 7.42 9.72 -40.32
C SER A 199 7.79 8.87 -39.10
N PHE A 200 6.93 8.91 -38.08
CA PHE A 200 7.04 8.03 -36.92
C PHE A 200 5.82 7.13 -36.96
N VAL A 201 6.03 5.84 -37.26
CA VAL A 201 4.90 4.95 -37.44
C VAL A 201 5.14 3.54 -36.91
N THR A 202 6.39 3.15 -36.72
CA THR A 202 6.67 1.80 -36.23
C THR A 202 6.66 1.75 -34.70
N THR A 203 6.62 0.53 -34.17
CA THR A 203 6.68 0.35 -32.72
C THR A 203 7.98 0.89 -32.14
N ALA A 204 9.09 0.65 -32.83
CA ALA A 204 10.37 1.21 -32.39
C ALA A 204 10.34 2.74 -32.42
N GLU A 205 9.77 3.32 -33.48
CA GLU A 205 9.68 4.77 -33.56
C GLU A 205 8.75 5.34 -32.50
N ARG A 206 7.77 4.55 -32.05
CA ARG A 206 6.90 4.99 -30.97
C ARG A 206 7.71 5.22 -29.69
N GLU A 207 8.65 4.32 -29.39
CA GLU A 207 9.46 4.50 -28.20
C GLU A 207 10.29 5.78 -28.28
N ILE A 208 10.76 6.13 -29.47
CA ILE A 208 11.49 7.39 -29.64
C ILE A 208 10.55 8.56 -29.36
N VAL A 209 9.32 8.51 -29.90
CA VAL A 209 8.41 9.63 -29.69
C VAL A 209 8.01 9.74 -28.22
N ARG A 210 7.92 8.61 -27.51
CA ARG A 210 7.64 8.70 -26.08
C ARG A 210 8.73 9.51 -25.37
N ASP A 211 9.98 9.30 -25.77
CA ASP A 211 11.09 10.06 -25.19
C ASP A 211 11.01 11.53 -25.60
N ILE A 212 10.65 11.81 -26.85
CA ILE A 212 10.43 13.21 -27.24
C ILE A 212 9.36 13.84 -26.36
N LYS A 213 8.23 13.14 -26.21
CA LYS A 213 7.13 13.64 -25.37
C LYS A 213 7.62 13.95 -23.96
N GLU A 214 8.35 13.02 -23.35
CA GLU A 214 8.78 13.20 -21.97
C GLU A 214 9.77 14.35 -21.82
N LYS A 215 10.54 14.65 -22.86
CA LYS A 215 11.61 15.64 -22.72
C LYS A 215 11.22 17.04 -23.16
N LEU A 216 10.28 17.19 -24.08
CA LEU A 216 10.02 18.48 -24.68
C LEU A 216 8.60 18.99 -24.53
N CYS A 217 7.65 18.16 -24.12
CA CYS A 217 6.26 18.61 -24.07
C CYS A 217 5.98 19.36 -22.78
N TYR A 218 4.99 20.24 -22.81
CA TYR A 218 4.57 20.97 -21.62
C TYR A 218 3.12 21.38 -21.79
N VAL A 219 2.49 21.77 -20.69
CA VAL A 219 1.10 22.22 -20.71
C VAL A 219 1.10 23.74 -20.74
N ALA A 220 0.45 24.31 -21.75
CA ALA A 220 0.32 25.76 -21.84
C ALA A 220 -0.71 26.26 -20.84
N LEU A 221 -0.42 27.41 -20.23
CA LEU A 221 -1.37 28.00 -19.30
C LEU A 221 -2.60 28.52 -20.02
N ASP A 222 -2.40 29.18 -21.15
CA ASP A 222 -3.47 29.64 -22.03
C ASP A 222 -3.21 29.05 -23.40
N PHE A 223 -3.99 28.05 -23.78
CA PHE A 223 -3.66 27.27 -24.97
C PHE A 223 -3.72 28.12 -26.24
N GLU A 224 -4.81 28.86 -26.41
CA GLU A 224 -4.95 29.64 -27.64
C GLU A 224 -3.87 30.73 -27.74
N ASN A 225 -3.50 31.35 -26.61
CA ASN A 225 -2.41 32.31 -26.65
C ASN A 225 -1.10 31.64 -27.04
N GLU A 226 -0.83 30.45 -26.49
CA GLU A 226 0.38 29.72 -26.86
C GLU A 226 0.41 29.38 -28.35
N MET A 227 -0.74 29.00 -28.92
CA MET A 227 -0.80 28.73 -30.36
C MET A 227 -0.43 29.98 -31.16
N ALA A 228 -0.91 31.14 -30.73
CA ALA A 228 -0.59 32.38 -31.43
C ALA A 228 0.90 32.71 -31.31
N THR A 229 1.48 32.47 -30.13
CA THR A 229 2.91 32.67 -29.95
C THR A 229 3.70 31.78 -30.91
N ALA A 230 3.30 30.51 -31.04
CA ALA A 230 4.02 29.59 -31.91
C ALA A 230 3.87 29.95 -33.37
N ALA A 231 2.77 30.61 -33.75
CA ALA A 231 2.56 30.98 -35.15
C ALA A 231 3.33 32.23 -35.54
N SER A 232 3.63 33.12 -34.58
CA SER A 232 4.21 34.41 -34.89
C SER A 232 5.72 34.46 -34.68
N SER A 233 6.34 33.40 -34.19
CA SER A 233 7.79 33.35 -34.07
C SER A 233 8.17 31.90 -33.76
N SER A 234 9.48 31.65 -33.69
CA SER A 234 10.01 30.31 -33.45
C SER A 234 10.57 30.16 -32.04
N SER A 235 10.17 31.04 -31.11
CA SER A 235 10.73 31.01 -29.77
C SER A 235 10.38 29.75 -28.99
N LEU A 236 9.33 29.04 -29.38
CA LEU A 236 8.92 27.84 -28.66
C LEU A 236 9.43 26.56 -29.32
N GLU A 237 10.18 26.66 -30.39
CA GLU A 237 10.61 25.47 -31.12
C GLU A 237 11.82 24.84 -30.46
N LYS A 238 11.88 23.52 -30.48
CA LYS A 238 12.97 22.75 -29.90
C LYS A 238 13.43 21.68 -30.87
N SER A 239 14.69 21.30 -30.74
CA SER A 239 15.26 20.23 -31.56
CA SER A 239 15.26 20.23 -31.56
C SER A 239 15.47 18.99 -30.71
N TYR A 240 15.50 17.85 -31.38
CA TYR A 240 15.67 16.56 -30.71
C TYR A 240 16.47 15.65 -31.64
N GLU A 241 17.48 15.00 -31.09
CA GLU A 241 18.43 14.22 -31.87
C GLU A 241 18.04 12.74 -31.80
N LEU A 242 17.71 12.17 -32.95
CA LEU A 242 17.35 10.76 -33.02
C LEU A 242 18.58 9.90 -32.81
N PRO A 243 18.40 8.60 -32.56
CA PRO A 243 19.58 7.75 -32.30
C PRO A 243 20.55 7.69 -33.47
N ASP A 244 20.06 7.80 -34.71
CA ASP A 244 20.93 7.75 -35.87
C ASP A 244 21.57 9.09 -36.20
N GLY A 245 21.41 10.10 -35.35
CA GLY A 245 22.02 11.39 -35.54
C GLY A 245 21.19 12.41 -36.27
N GLN A 246 20.13 11.98 -36.97
CA GLN A 246 19.24 12.95 -37.60
C GLN A 246 18.52 13.76 -36.53
N VAL A 247 18.22 15.00 -36.87
CA VAL A 247 17.62 15.95 -35.95
C VAL A 247 16.24 16.35 -36.46
N ILE A 248 15.28 16.39 -35.55
CA ILE A 248 13.95 16.89 -35.86
C ILE A 248 13.68 18.10 -34.99
N THR A 249 12.77 18.94 -35.45
CA THR A 249 12.36 20.12 -34.70
CA THR A 249 12.36 20.12 -34.71
C THR A 249 10.86 20.04 -34.42
N ILE A 250 10.47 20.58 -33.27
CA ILE A 250 9.11 20.50 -32.78
C ILE A 250 8.70 21.87 -32.25
N GLY A 251 7.51 22.31 -32.60
CA GLY A 251 7.01 23.58 -32.13
C GLY A 251 5.74 23.47 -31.31
N ASN A 252 4.60 23.85 -31.89
CA ASN A 252 3.38 23.83 -31.08
C ASN A 252 2.94 22.41 -30.72
N GLU A 253 3.52 21.38 -31.35
CA GLU A 253 3.28 20.01 -30.91
C GLU A 253 3.73 19.79 -29.47
N ARG A 254 4.67 20.60 -28.97
CA ARG A 254 5.13 20.43 -27.59
C ARG A 254 3.98 20.56 -26.60
N PHE A 255 3.07 21.50 -26.82
CA PHE A 255 1.96 21.71 -25.88
C PHE A 255 0.62 21.23 -26.42
N ARG A 256 0.49 21.05 -27.73
CA ARG A 256 -0.72 20.44 -28.27
C ARG A 256 -0.89 19.01 -27.75
N CYS A 257 0.20 18.28 -27.59
CA CYS A 257 0.12 16.89 -27.18
C CYS A 257 -0.51 16.73 -25.80
N PRO A 258 -0.01 17.36 -24.74
CA PRO A 258 -0.69 17.20 -23.43
C PRO A 258 -1.94 18.06 -23.28
N GLU A 259 -2.20 19.00 -24.18
CA GLU A 259 -3.50 19.68 -24.18
C GLU A 259 -4.63 18.67 -24.31
N THR A 260 -4.36 17.53 -24.94
CA THR A 260 -5.34 16.45 -25.03
C THR A 260 -5.94 16.09 -23.67
N LEU A 261 -5.15 16.17 -22.60
CA LEU A 261 -5.67 15.84 -21.27
C LEU A 261 -6.85 16.74 -20.91
N PHE A 262 -6.81 17.99 -21.34
CA PHE A 262 -7.88 18.94 -21.09
C PHE A 262 -8.89 18.99 -22.21
N GLN A 263 -8.50 18.59 -23.43
CA GLN A 263 -9.38 18.57 -24.60
C GLN A 263 -9.28 17.20 -25.27
N PRO A 264 -9.95 16.19 -24.72
CA PRO A 264 -9.85 14.84 -25.32
C PRO A 264 -10.35 14.75 -26.74
N SER A 265 -11.07 15.75 -27.24
CA SER A 265 -11.44 15.74 -28.65
C SER A 265 -10.23 15.75 -29.56
N PHE A 266 -9.06 16.18 -29.07
CA PHE A 266 -7.87 16.17 -29.90
C PHE A 266 -7.57 14.77 -30.43
N ILE A 267 -7.96 13.72 -29.69
CA ILE A 267 -7.76 12.35 -30.14
C ILE A 267 -9.10 11.67 -30.43
N GLY A 268 -10.15 12.44 -30.73
CA GLY A 268 -11.40 11.88 -31.17
C GLY A 268 -12.29 11.36 -30.07
N MET A 269 -11.97 11.65 -28.81
CA MET A 269 -12.82 11.24 -27.70
C MET A 269 -13.82 12.35 -27.39
N GLU A 270 -15.08 11.98 -27.17
CA GLU A 270 -16.11 12.92 -26.73
C GLU A 270 -16.19 12.69 -25.22
N SER A 271 -15.26 13.31 -24.50
CA SER A 271 -15.11 13.09 -23.07
C SER A 271 -14.69 14.40 -22.44
N ALA A 272 -15.12 14.62 -21.21
CA ALA A 272 -14.67 15.78 -20.44
C ALA A 272 -13.18 15.67 -20.15
N GLY A 273 -12.52 16.83 -20.07
CA GLY A 273 -11.12 16.88 -19.71
C GLY A 273 -10.91 16.63 -18.22
N ILE A 274 -9.63 16.51 -17.85
CA ILE A 274 -9.31 16.09 -16.48
C ILE A 274 -9.75 17.13 -15.47
N HIS A 275 -9.79 18.41 -15.88
CA HIS A 275 -10.26 19.45 -14.95
C HIS A 275 -11.75 19.29 -14.67
N GLU A 276 -12.53 19.00 -15.72
CA GLU A 276 -13.97 18.81 -15.55
C GLU A 276 -14.28 17.55 -14.75
N THR A 277 -13.55 16.46 -15.02
CA THR A 277 -13.77 15.24 -14.25
C THR A 277 -13.38 15.41 -12.79
N THR A 278 -12.36 16.21 -12.51
CA THR A 278 -12.03 16.54 -11.13
C THR A 278 -13.22 17.23 -10.46
N TYR A 279 -13.77 18.25 -11.12
CA TYR A 279 -14.91 18.96 -10.57
C TYR A 279 -16.10 18.03 -10.39
N ASN A 280 -16.42 17.24 -11.42
CA ASN A 280 -17.56 16.33 -11.32
C ASN A 280 -17.38 15.35 -10.18
N SER A 281 -16.16 14.84 -9.99
CA SER A 281 -15.90 13.91 -8.90
C SER A 281 -16.18 14.56 -7.56
N ILE A 282 -15.66 15.77 -7.35
CA ILE A 282 -15.86 16.46 -6.08
C ILE A 282 -17.35 16.65 -5.80
N MET A 283 -18.12 17.00 -6.83
CA MET A 283 -19.53 17.31 -6.65
C MET A 283 -20.35 16.07 -6.32
N LYS A 284 -19.81 14.87 -6.51
CA LYS A 284 -20.51 13.67 -6.07
C LYS A 284 -20.15 13.29 -4.64
N CYS A 285 -19.29 14.04 -3.99
CA CYS A 285 -18.82 13.69 -2.66
C CYS A 285 -19.61 14.43 -1.58
N ASP A 286 -19.53 13.88 -0.36
CA ASP A 286 -20.14 14.47 0.81
C ASP A 286 -19.85 15.96 0.90
N ILE A 287 -20.92 16.75 1.06
CA ILE A 287 -20.77 18.20 1.07
C ILE A 287 -19.75 18.63 2.11
N ASP A 288 -19.68 17.91 3.24
CA ASP A 288 -18.81 18.32 4.34
C ASP A 288 -17.33 18.18 4.03
N ILE A 289 -16.95 17.42 3.00
CA ILE A 289 -15.54 17.20 2.70
C ILE A 289 -15.08 17.92 1.45
N ARG A 290 -15.97 18.60 0.73
CA ARG A 290 -15.57 19.19 -0.54
C ARG A 290 -14.49 20.24 -0.37
N LYS A 291 -14.58 21.08 0.67
CA LYS A 291 -13.55 22.10 0.86
C LYS A 291 -12.18 21.43 0.98
N ASP A 292 -12.09 20.33 1.74
CA ASP A 292 -10.83 19.65 1.91
C ASP A 292 -10.36 19.02 0.59
N LEU A 293 -11.29 18.54 -0.23
CA LEU A 293 -10.89 18.03 -1.54
C LEU A 293 -10.33 19.14 -2.41
N TYR A 294 -11.05 20.28 -2.49
CA TYR A 294 -10.55 21.38 -3.31
C TYR A 294 -9.17 21.83 -2.86
N ALA A 295 -8.89 21.75 -1.56
CA ALA A 295 -7.62 22.22 -1.00
C ALA A 295 -6.54 21.17 -1.06
N ASN A 296 -6.84 19.96 -1.55
CA ASN A 296 -5.87 18.87 -1.54
C ASN A 296 -5.98 18.03 -2.81
N ASN A 297 -5.83 18.71 -3.96
CA ASN A 297 -5.77 18.06 -5.26
CA ASN A 297 -5.78 18.04 -5.26
C ASN A 297 -4.34 17.56 -5.47
N VAL A 298 -4.14 16.25 -5.45
CA VAL A 298 -2.81 15.66 -5.55
C VAL A 298 -2.64 15.02 -6.91
N MET A 299 -1.59 15.44 -7.64
CA MET A 299 -1.23 14.85 -8.92
C MET A 299 -0.33 13.63 -8.72
N SER A 300 -0.61 12.56 -9.46
CA SER A 300 0.22 11.37 -9.41
C SER A 300 0.25 10.68 -10.76
N GLY A 301 1.32 9.90 -10.98
CA GLY A 301 1.52 9.19 -12.21
C GLY A 301 2.42 9.93 -13.18
N GLY A 302 3.05 9.16 -14.07
CA GLY A 302 4.02 9.73 -15.01
C GLY A 302 3.45 10.80 -15.93
N THR A 303 2.17 10.69 -16.28
CA THR A 303 1.58 11.62 -17.23
C THR A 303 1.18 12.95 -16.59
N THR A 304 1.30 13.08 -15.25
CA THR A 304 1.19 14.38 -14.62
C THR A 304 2.53 15.11 -14.49
N MET A 305 3.58 14.61 -15.15
CA MET A 305 4.91 15.22 -15.02
C MET A 305 5.12 16.43 -15.92
N TYR A 306 4.22 16.72 -16.84
CA TYR A 306 4.45 17.82 -17.78
C TYR A 306 4.66 19.14 -17.03
N PRO A 307 5.69 19.92 -17.37
CA PRO A 307 5.77 21.29 -16.82
C PRO A 307 4.49 22.05 -17.15
N GLY A 308 4.03 22.84 -16.18
CA GLY A 308 2.85 23.66 -16.37
C GLY A 308 1.54 23.03 -15.98
N ILE A 309 1.51 21.71 -15.70
CA ILE A 309 0.22 21.06 -15.49
C ILE A 309 -0.44 21.53 -14.20
N ALA A 310 0.34 21.82 -13.17
CA ALA A 310 -0.25 22.26 -11.90
C ALA A 310 -0.87 23.64 -12.03
N ASP A 311 -0.15 24.58 -12.66
CA ASP A 311 -0.70 25.91 -12.89
C ASP A 311 -1.97 25.86 -13.72
N ARG A 312 -2.00 25.00 -14.74
CA ARG A 312 -3.18 24.91 -15.59
C ARG A 312 -4.36 24.33 -14.82
N MET A 313 -4.14 23.28 -14.03
CA MET A 313 -5.21 22.73 -13.21
C MET A 313 -5.75 23.77 -12.23
N GLN A 314 -4.86 24.50 -11.56
CA GLN A 314 -5.28 25.56 -10.66
C GLN A 314 -6.20 26.54 -11.37
N LYS A 315 -5.78 26.98 -12.56
CA LYS A 315 -6.59 27.93 -13.31
C LYS A 315 -7.93 27.34 -13.69
N GLU A 316 -7.95 26.11 -14.22
CA GLU A 316 -9.19 25.53 -14.71
C GLU A 316 -10.13 25.17 -13.56
N ILE A 317 -9.60 24.65 -12.46
CA ILE A 317 -10.47 24.31 -11.34
C ILE A 317 -11.06 25.57 -10.73
N THR A 318 -10.25 26.63 -10.63
CA THR A 318 -10.75 27.91 -10.15
C THR A 318 -11.95 28.38 -10.96
N ALA A 319 -11.89 28.25 -12.29
CA ALA A 319 -12.98 28.71 -13.13
C ALA A 319 -14.25 27.90 -12.92
N LEU A 320 -14.16 26.66 -12.43
CA LEU A 320 -15.33 25.82 -12.25
C LEU A 320 -15.89 25.92 -10.85
N ALA A 321 -15.08 26.26 -9.88
CA ALA A 321 -15.46 26.17 -8.46
C ALA A 321 -16.13 27.46 -7.98
N PRO A 322 -16.82 27.42 -6.85
CA PRO A 322 -17.32 28.66 -6.25
C PRO A 322 -16.21 29.69 -6.12
N SER A 323 -16.56 30.96 -6.30
CA SER A 323 -15.55 32.00 -6.37
C SER A 323 -14.77 32.15 -5.08
N THR A 324 -15.33 31.70 -3.96
CA THR A 324 -14.67 31.83 -2.67
C THR A 324 -13.88 30.59 -2.25
N MET A 325 -13.86 29.55 -3.09
CA MET A 325 -13.28 28.27 -2.68
C MET A 325 -11.75 28.34 -2.73
N LYS A 326 -11.10 27.86 -1.67
CA LYS A 326 -9.66 27.73 -1.66
C LYS A 326 -9.26 26.48 -2.45
N ILE A 327 -8.44 26.67 -3.48
CA ILE A 327 -8.02 25.58 -4.37
C ILE A 327 -6.50 25.45 -4.29
N LYS A 328 -6.03 24.22 -4.14
CA LYS A 328 -4.60 23.97 -4.11
C LYS A 328 -4.30 22.70 -4.89
N ILE A 329 -3.30 22.79 -5.78
CA ILE A 329 -2.83 21.65 -6.55
C ILE A 329 -1.46 21.28 -6.00
N ILE A 330 -1.30 20.02 -5.59
CA ILE A 330 -0.03 19.51 -5.08
C ILE A 330 0.54 18.56 -6.11
N ALA A 331 1.76 18.85 -6.56
CA ALA A 331 2.45 18.07 -7.57
C ALA A 331 3.80 17.65 -7.02
N PRO A 332 3.86 16.55 -6.28
CA PRO A 332 5.13 16.16 -5.67
C PRO A 332 6.17 15.82 -6.72
N PRO A 333 7.44 16.05 -6.41
CA PRO A 333 8.48 15.82 -7.43
C PRO A 333 8.68 14.35 -7.80
N GLU A 334 8.39 13.42 -6.87
CA GLU A 334 8.60 12.01 -7.14
C GLU A 334 7.31 11.31 -7.60
N ARG A 335 6.40 12.05 -8.24
CA ARG A 335 5.08 11.51 -8.46
C ARG A 335 5.02 10.46 -9.57
N LYS A 336 6.10 10.26 -10.34
CA LYS A 336 6.16 9.07 -11.17
C LYS A 336 6.06 7.80 -10.33
N TYR A 337 6.54 7.85 -9.08
CA TYR A 337 6.63 6.68 -8.21
C TYR A 337 5.84 6.85 -6.92
N SER A 338 4.89 7.80 -6.87
CA SER A 338 4.21 8.10 -5.62
C SER A 338 3.30 6.95 -5.19
N VAL A 339 2.77 6.18 -6.13
CA VAL A 339 1.98 5.02 -5.74
C VAL A 339 2.85 4.04 -4.97
N TRP A 340 4.03 3.72 -5.53
CA TRP A 340 4.92 2.76 -4.88
C TRP A 340 5.36 3.30 -3.52
N ILE A 341 5.76 4.57 -3.47
CA ILE A 341 6.20 5.16 -2.20
C ILE A 341 5.09 5.08 -1.17
N GLY A 342 3.85 5.38 -1.58
CA GLY A 342 2.72 5.26 -0.66
C GLY A 342 2.54 3.86 -0.13
N GLY A 343 2.75 2.86 -0.98
CA GLY A 343 2.68 1.48 -0.52
C GLY A 343 3.79 1.16 0.47
N SER A 344 4.99 1.69 0.22
CA SER A 344 6.08 1.53 1.16
C SER A 344 5.72 2.12 2.52
N ILE A 345 5.10 3.30 2.53
CA ILE A 345 4.67 3.90 3.79
C ILE A 345 3.62 3.04 4.45
N LEU A 346 2.55 2.73 3.72
CA LEU A 346 1.43 2.01 4.30
C LEU A 346 1.87 0.68 4.89
N ALA A 347 2.69 -0.07 4.16
CA ALA A 347 3.12 -1.38 4.63
C ALA A 347 4.14 -1.28 5.76
N SER A 348 4.60 -0.07 6.09
CA SER A 348 5.53 0.17 7.18
C SER A 348 4.85 0.67 8.44
N LEU A 349 3.58 1.05 8.38
CA LEU A 349 2.92 1.63 9.53
C LEU A 349 2.64 0.58 10.60
N SER A 350 2.81 0.97 11.87
CA SER A 350 2.46 0.07 12.96
C SER A 350 1.01 -0.38 12.84
N THR A 351 0.13 0.53 12.42
CA THR A 351 -1.29 0.21 12.25
C THR A 351 -1.55 -0.77 11.11
N PHE A 352 -0.56 -1.08 10.28
CA PHE A 352 -0.81 -1.97 9.15
C PHE A 352 -0.75 -3.44 9.52
N GLN A 353 -0.15 -3.77 10.66
CA GLN A 353 -0.03 -5.18 11.04
C GLN A 353 -1.37 -5.88 11.04
N GLN A 354 -2.41 -5.22 11.56
CA GLN A 354 -3.75 -5.78 11.61
C GLN A 354 -4.35 -6.00 10.23
N MET A 355 -3.86 -5.29 9.21
CA MET A 355 -4.58 -5.21 7.95
C MET A 355 -4.31 -6.37 7.02
N TRP A 356 -3.17 -7.05 7.15
CA TRP A 356 -2.84 -8.12 6.22
C TRP A 356 -3.93 -9.19 6.18
N ILE A 357 -4.14 -9.76 5.00
CA ILE A 357 -4.84 -11.04 4.88
C ILE A 357 -3.79 -12.14 5.05
N THR A 358 -3.98 -12.98 6.06
CA THR A 358 -3.04 -14.07 6.29
C THR A 358 -3.47 -15.30 5.50
N LYS A 359 -2.50 -16.19 5.26
CA LYS A 359 -2.80 -17.45 4.58
C LYS A 359 -3.88 -18.23 5.33
N GLN A 360 -3.90 -18.16 6.65
CA GLN A 360 -4.95 -18.84 7.40
C GLN A 360 -6.31 -18.20 7.16
N GLU A 361 -6.38 -16.86 7.18
CA GLU A 361 -7.64 -16.20 6.86
C GLU A 361 -8.12 -16.61 5.46
N TYR A 362 -7.18 -16.78 4.52
CA TYR A 362 -7.54 -17.15 3.16
C TYR A 362 -8.08 -18.58 3.11
N ASP A 363 -7.45 -19.50 3.85
CA ASP A 363 -7.95 -20.87 3.89
C ASP A 363 -9.33 -20.95 4.51
N GLU A 364 -9.64 -20.08 5.48
CA GLU A 364 -10.93 -20.11 6.13
C GLU A 364 -12.03 -19.56 5.24
N ALA A 365 -11.77 -18.41 4.60
CA ALA A 365 -12.82 -17.67 3.93
C ALA A 365 -12.75 -17.69 2.43
N GLY A 366 -11.60 -18.05 1.86
CA GLY A 366 -11.45 -18.07 0.43
C GLY A 366 -11.16 -16.70 -0.13
N PRO A 367 -11.08 -16.60 -1.46
CA PRO A 367 -10.64 -15.33 -2.06
C PRO A 367 -11.52 -14.13 -1.72
N SER A 368 -12.81 -14.34 -1.47
CA SER A 368 -13.71 -13.22 -1.21
C SER A 368 -13.35 -12.48 0.08
N ILE A 369 -12.41 -13.00 0.87
CA ILE A 369 -11.94 -12.26 2.03
C ILE A 369 -11.38 -10.90 1.61
N VAL A 370 -10.88 -10.79 0.37
CA VAL A 370 -10.30 -9.52 -0.08
C VAL A 370 -11.35 -8.42 -0.06
N HIS A 371 -12.63 -8.75 -0.20
CA HIS A 371 -13.68 -7.74 -0.19
C HIS A 371 -13.99 -7.26 1.23
N ARG A 372 -13.77 -8.10 2.25
CA ARG A 372 -13.96 -7.63 3.61
C ARG A 372 -12.82 -6.69 4.03
N LYS A 373 -11.58 -7.10 3.75
CA LYS A 373 -10.43 -6.52 4.44
C LYS A 373 -9.72 -5.42 3.67
N CYS A 374 -9.90 -5.34 2.35
CA CYS A 374 -9.16 -4.38 1.53
C CYS A 374 -10.11 -3.40 0.86
N PHE A 375 -10.22 -2.22 1.43
CA PHE A 375 -10.92 -1.10 0.77
C PHE A 375 -10.43 0.21 1.38
N ALA B 1 28.34 -22.18 34.75
CA ALA B 1 29.80 -22.22 34.75
C ALA B 1 30.32 -23.11 33.63
N GLY B 2 31.63 -23.10 33.43
CA GLY B 2 32.24 -23.86 32.35
C GLY B 2 32.19 -23.20 31.00
N HIS B 3 31.83 -21.91 30.94
CA HIS B 3 31.78 -21.16 29.70
C HIS B 3 32.55 -19.85 29.83
N MET B 4 33.71 -19.90 30.48
CA MET B 4 34.54 -18.70 30.60
C MET B 4 34.97 -18.25 29.21
N SER B 5 35.00 -16.93 29.02
CA SER B 5 35.25 -16.33 27.72
C SER B 5 36.57 -15.58 27.77
N LEU B 6 37.45 -15.90 26.82
CA LEU B 6 38.81 -15.35 26.83
C LEU B 6 39.11 -14.39 25.67
N ALA B 7 38.35 -14.45 24.58
CA ALA B 7 38.67 -13.62 23.43
C ALA B 7 38.37 -12.15 23.69
N GLU B 8 39.14 -11.29 23.03
CA GLU B 8 38.83 -9.86 22.97
C GLU B 8 37.65 -9.64 22.02
N LEU B 9 36.62 -8.94 22.50
CA LEU B 9 35.44 -8.72 21.66
C LEU B 9 34.98 -7.29 21.74
N THR B 10 34.42 -6.80 20.63
CA THR B 10 33.74 -5.52 20.58
C THR B 10 32.32 -5.76 20.07
N LEU B 11 31.47 -4.77 20.28
CA LEU B 11 30.07 -4.80 19.85
C LEU B 11 29.87 -3.56 18.98
N GLU B 12 29.58 -3.77 17.69
CA GLU B 12 29.52 -2.65 16.75
C GLU B 12 28.39 -2.79 15.75
N PRO B 13 27.74 -1.70 15.39
CA PRO B 13 26.61 -1.77 14.46
C PRO B 13 27.09 -2.10 13.05
N VAL B 14 26.26 -2.85 12.33
CA VAL B 14 26.60 -3.25 10.98
C VAL B 14 26.80 -2.04 10.07
N HIS B 15 25.97 -1.01 10.25
CA HIS B 15 26.04 0.13 9.33
C HIS B 15 27.30 0.95 9.51
N ARG B 16 28.07 0.72 10.56
CA ARG B 16 29.37 1.34 10.73
C ARG B 16 30.52 0.47 10.29
N ARG B 17 30.25 -0.79 9.96
CA ARG B 17 31.25 -1.71 9.44
C ARG B 17 30.66 -2.42 8.24
N PRO B 18 30.27 -1.68 7.19
CA PRO B 18 29.59 -2.31 6.05
C PRO B 18 30.42 -3.40 5.40
N GLU B 19 31.75 -3.37 5.52
CA GLU B 19 32.58 -4.41 4.93
C GLU B 19 32.35 -5.78 5.58
N LEU B 20 31.69 -5.82 6.74
CA LEU B 20 31.40 -7.09 7.42
C LEU B 20 29.98 -7.56 7.20
N LEU B 21 29.18 -6.82 6.43
CA LEU B 21 27.77 -7.16 6.26
C LEU B 21 27.58 -8.52 5.61
N ASP B 22 28.39 -8.83 4.59
CA ASP B 22 28.29 -10.14 3.94
C ASP B 22 28.57 -11.27 4.93
N ALA B 23 29.60 -11.12 5.75
CA ALA B 23 29.90 -12.14 6.76
C ALA B 23 28.77 -12.26 7.77
N CYS B 24 28.15 -11.13 8.12
CA CYS B 24 27.03 -11.19 9.06
C CYS B 24 25.85 -11.92 8.44
N ALA B 25 25.60 -11.68 7.16
CA ALA B 25 24.54 -12.40 6.47
C ALA B 25 24.84 -13.90 6.45
N ASP B 26 26.11 -14.27 6.22
CA ASP B 26 26.49 -15.69 6.27
C ASP B 26 26.14 -16.28 7.64
N LEU B 27 26.50 -15.56 8.70
CA LEU B 27 26.22 -16.03 10.06
C LEU B 27 24.74 -16.31 10.28
N ILE B 28 23.89 -15.35 9.94
CA ILE B 28 22.47 -15.49 10.27
C ILE B 28 21.82 -16.56 9.40
N ASN B 29 22.11 -16.53 8.08
CA ASN B 29 21.48 -17.49 7.19
C ASN B 29 21.95 -18.91 7.46
N ASP B 30 23.13 -19.09 8.04
CA ASP B 30 23.53 -20.45 8.45
C ASP B 30 22.58 -21.00 9.50
N GLN B 31 22.01 -20.14 10.33
CA GLN B 31 21.05 -20.56 11.34
C GLN B 31 19.62 -20.56 10.82
N TRP B 32 19.22 -19.48 10.16
CA TRP B 32 17.85 -19.31 9.67
C TRP B 32 17.92 -19.07 8.16
N PRO B 33 17.80 -20.12 7.35
CA PRO B 33 17.91 -19.93 5.90
C PRO B 33 16.72 -19.13 5.36
N ARG B 34 17.03 -18.12 4.58
CA ARG B 34 16.08 -17.43 3.71
C ARG B 34 16.93 -16.82 2.61
N SER B 35 16.28 -16.16 1.66
CA SER B 35 17.02 -15.68 0.50
C SER B 35 18.12 -14.75 0.98
N ARG B 36 19.28 -14.84 0.34
CA ARG B 36 20.35 -13.91 0.65
C ARG B 36 19.98 -12.48 0.32
N THR B 37 19.17 -12.27 -0.72
CA THR B 37 18.70 -10.93 -1.03
C THR B 37 17.99 -10.33 0.19
N SER B 38 17.11 -11.11 0.79
CA SER B 38 16.31 -10.61 1.91
C SER B 38 17.18 -10.37 3.14
N ARG B 39 18.14 -11.24 3.39
CA ARG B 39 18.98 -11.09 4.56
C ARG B 39 19.91 -9.89 4.41
N LEU B 40 20.47 -9.72 3.22
CA LEU B 40 21.32 -8.55 2.98
C LEU B 40 20.53 -7.26 3.11
N HIS B 41 19.32 -7.24 2.56
CA HIS B 41 18.48 -6.05 2.67
C HIS B 41 18.14 -5.76 4.13
N SER B 42 17.80 -6.81 4.90
CA SER B 42 17.49 -6.63 6.32
C SER B 42 18.66 -5.98 7.08
N LEU B 43 19.87 -6.46 6.84
CA LEU B 43 21.03 -5.87 7.49
C LEU B 43 21.31 -4.47 6.97
N GLY B 44 21.00 -4.20 5.70
CA GLY B 44 21.20 -2.87 5.15
C GLY B 44 20.26 -1.83 5.71
N GLN B 45 19.21 -2.25 6.41
CA GLN B 45 18.31 -1.31 7.06
C GLN B 45 18.90 -0.69 8.33
N SER B 46 19.91 -1.31 8.90
CA SER B 46 20.46 -0.87 10.18
C SER B 46 20.83 0.60 10.17
N SER B 47 20.41 1.32 11.20
CA SER B 47 20.77 2.72 11.34
C SER B 47 20.65 3.15 12.80
N ASP B 48 21.18 4.33 13.08
CA ASP B 48 21.12 4.89 14.43
C ASP B 48 19.69 5.16 14.89
N ALA B 49 18.74 5.26 13.97
CA ALA B 49 17.36 5.52 14.35
C ALA B 49 16.63 4.27 14.85
N PHE B 50 17.25 3.08 14.71
CA PHE B 50 16.60 1.79 14.93
C PHE B 50 15.61 1.51 13.80
N PRO B 51 15.46 0.25 13.37
CA PRO B 51 16.19 -0.92 13.92
C PRO B 51 17.69 -0.87 13.62
N LEU B 52 18.47 -1.53 14.45
CA LEU B 52 19.90 -1.61 14.18
C LEU B 52 20.41 -2.98 14.56
N CYS B 53 21.45 -3.40 13.85
CA CYS B 53 22.00 -4.74 13.93
C CYS B 53 23.38 -4.64 14.54
N LEU B 54 23.56 -5.24 15.71
CA LEU B 54 24.82 -5.21 16.42
C LEU B 54 25.57 -6.50 16.15
N MET B 55 26.86 -6.39 15.87
CA MET B 55 27.72 -7.54 15.65
C MET B 55 28.70 -7.63 16.81
N LEU B 56 28.88 -8.85 17.32
CA LEU B 56 29.98 -9.16 18.22
C LEU B 56 31.17 -9.56 17.37
N LEU B 57 32.26 -8.83 17.49
CA LEU B 57 33.41 -8.99 16.62
C LEU B 57 34.65 -9.36 17.42
N SER B 58 35.56 -10.10 16.78
CA SER B 58 36.87 -10.43 17.34
C SER B 58 37.94 -9.99 16.37
N PRO B 59 39.00 -9.32 16.83
CA PRO B 59 39.95 -8.69 15.89
C PRO B 59 40.52 -9.58 14.80
N HIS B 60 40.93 -10.79 15.15
CA HIS B 60 41.55 -11.68 14.18
C HIS B 60 41.07 -13.09 14.51
N PRO B 61 41.31 -14.08 13.65
CA PRO B 61 41.31 -15.48 14.11
C PRO B 61 42.67 -15.75 14.72
N THR B 62 43.25 -14.66 15.26
CA THR B 62 44.65 -14.57 15.70
C THR B 62 45.64 -14.91 14.58
N LEU B 63 45.14 -14.81 13.35
CA LEU B 63 45.91 -15.00 12.13
C LEU B 63 45.47 -13.92 11.13
N GLU B 64 46.36 -13.00 10.78
CA GLU B 64 46.03 -11.90 9.87
C GLU B 64 44.95 -10.99 10.43
N ALA B 65 44.45 -10.06 9.60
CA ALA B 65 43.74 -8.89 10.10
C ALA B 65 42.27 -8.81 9.72
N ALA B 66 41.67 -9.90 9.24
CA ALA B 66 40.25 -9.89 8.92
C ALA B 66 39.46 -10.22 10.18
N PRO B 67 38.66 -9.38 10.71
CA PRO B 67 37.90 -9.60 11.95
C PRO B 67 36.81 -10.64 11.76
N VAL B 68 36.49 -11.41 12.74
CA VAL B 68 35.51 -12.49 12.75
C VAL B 68 34.21 -11.93 13.27
N VAL B 69 33.11 -12.20 12.55
CA VAL B 69 31.78 -11.88 13.04
C VAL B 69 31.37 -13.05 13.95
N VAL B 70 31.45 -12.83 15.25
CA VAL B 70 31.18 -13.90 16.21
C VAL B 70 29.70 -14.04 16.48
N GLY B 71 28.95 -12.95 16.47
CA GLY B 71 27.54 -13.02 16.80
C GLY B 71 26.82 -11.78 16.34
N HIS B 72 25.50 -11.81 16.51
CA HIS B 72 24.63 -10.76 15.98
C HIS B 72 23.36 -10.71 16.81
N ALA B 73 22.84 -9.49 16.96
CA ALA B 73 21.48 -9.30 17.46
C ALA B 73 20.90 -8.04 16.82
N ARG B 74 19.60 -8.07 16.59
CA ARG B 74 18.86 -6.93 16.04
C ARG B 74 18.07 -6.26 17.15
N LEU B 75 18.12 -4.93 17.19
CA LEU B 75 17.40 -4.14 18.18
C LEU B 75 16.41 -3.23 17.48
N SER B 76 15.16 -3.24 17.96
CA SER B 76 14.10 -2.41 17.40
C SER B 76 13.36 -1.71 18.51
N ARG B 77 12.89 -0.50 18.20
CA ARG B 77 12.04 0.22 19.13
C ARG B 77 10.66 -0.43 19.19
N VAL B 78 9.89 -0.06 20.21
CA VAL B 78 8.68 -0.78 20.57
C VAL B 78 7.51 0.21 20.57
N LEU B 79 6.42 -0.18 19.91
CA LEU B 79 5.24 0.67 19.85
C LEU B 79 4.75 1.01 21.25
N ASN B 80 4.57 2.31 21.48
CA ASN B 80 3.99 2.88 22.69
C ASN B 80 4.82 2.65 23.94
N GLN B 81 6.07 2.20 23.81
CA GLN B 81 6.94 1.95 24.96
C GLN B 81 8.32 2.54 24.70
N PRO B 82 8.48 3.84 24.94
CA PRO B 82 9.74 4.51 24.58
C PRO B 82 10.97 3.91 25.21
N GLN B 83 10.86 3.33 26.40
CA GLN B 83 12.02 2.82 27.11
C GLN B 83 12.28 1.33 26.84
N SER B 84 11.55 0.73 25.91
CA SER B 84 11.69 -0.68 25.59
C SER B 84 12.41 -0.86 24.26
N LEU B 85 13.15 -1.97 24.17
CA LEU B 85 13.69 -2.44 22.91
C LEU B 85 13.29 -3.89 22.70
N LEU B 86 13.00 -4.25 21.46
CA LEU B 86 12.75 -5.62 21.07
C LEU B 86 14.05 -6.20 20.54
N VAL B 87 14.45 -7.36 21.08
CA VAL B 87 15.68 -8.06 20.68
C VAL B 87 15.29 -9.23 19.80
N GLU B 88 15.92 -9.34 18.63
CA GLU B 88 15.61 -10.42 17.71
C GLU B 88 16.89 -10.94 17.06
N THR B 89 16.77 -12.12 16.47
CA THR B 89 17.82 -12.68 15.63
C THR B 89 19.14 -12.82 16.39
N VAL B 90 19.04 -13.34 17.61
CA VAL B 90 20.22 -13.53 18.47
C VAL B 90 20.90 -14.82 18.04
N VAL B 91 22.16 -14.71 17.62
CA VAL B 91 22.85 -15.88 17.10
C VAL B 91 24.35 -15.69 17.26
N VAL B 92 25.02 -16.76 17.66
CA VAL B 92 26.47 -16.86 17.69
C VAL B 92 26.87 -17.86 16.62
N ALA B 93 27.96 -17.57 15.91
CA ALA B 93 28.44 -18.46 14.86
C ALA B 93 28.47 -19.90 15.36
N ARG B 94 27.95 -20.80 14.56
CA ARG B 94 27.75 -22.19 14.97
C ARG B 94 29.03 -22.79 15.53
N ALA B 95 30.18 -22.53 14.91
CA ALA B 95 31.43 -23.13 15.35
C ALA B 95 32.01 -22.46 16.58
N LEU B 96 31.39 -21.39 17.07
CA LEU B 96 31.92 -20.63 18.20
C LEU B 96 31.01 -20.70 19.42
N ARG B 97 29.98 -21.55 19.39
CA ARG B 97 29.04 -21.65 20.50
C ARG B 97 29.65 -22.41 21.65
N GLY B 98 29.17 -22.14 22.85
CA GLY B 98 29.68 -22.77 24.03
C GLY B 98 30.95 -22.19 24.58
N ARG B 99 31.30 -20.97 24.18
CA ARG B 99 32.52 -20.32 24.65
C ARG B 99 32.25 -19.05 25.44
N GLY B 100 30.99 -18.82 25.85
CA GLY B 100 30.63 -17.62 26.56
C GLY B 100 30.24 -16.44 25.71
N PHE B 101 30.31 -16.56 24.39
CA PHE B 101 30.05 -15.42 23.52
C PHE B 101 28.57 -15.02 23.49
N GLY B 102 27.68 -16.00 23.68
CA GLY B 102 26.26 -15.68 23.75
C GLY B 102 25.92 -14.86 24.98
N ARG B 103 26.51 -15.21 26.13
CA ARG B 103 26.36 -14.37 27.30
C ARG B 103 26.89 -12.96 27.05
N ARG B 104 28.08 -12.88 26.46
CA ARG B 104 28.69 -11.56 26.24
C ARG B 104 27.91 -10.74 25.22
N LEU B 105 27.31 -11.38 24.23
CA LEU B 105 26.40 -10.68 23.33
C LEU B 105 25.21 -10.09 24.08
N MET B 106 24.53 -10.91 24.88
CA MET B 106 23.34 -10.44 25.56
C MET B 106 23.66 -9.36 26.60
N GLU B 107 24.75 -9.53 27.33
CA GLU B 107 25.17 -8.52 28.30
C GLU B 107 25.61 -7.24 27.59
N GLY B 108 26.31 -7.36 26.47
CA GLY B 108 26.66 -6.16 25.72
C GLY B 108 25.46 -5.40 25.22
N LEU B 109 24.40 -6.14 24.83
CA LEU B 109 23.15 -5.49 24.43
C LEU B 109 22.59 -4.64 25.55
N GLU B 110 22.64 -5.15 26.79
CA GLU B 110 22.11 -4.41 27.93
C GLU B 110 22.89 -3.12 28.15
N VAL B 111 24.22 -3.20 28.10
CA VAL B 111 25.06 -2.03 28.26
C VAL B 111 24.72 -0.99 27.19
N PHE B 112 24.69 -1.45 25.93
CA PHE B 112 24.36 -0.58 24.81
C PHE B 112 23.01 0.10 25.00
N ALA B 113 21.98 -0.69 25.34
CA ALA B 113 20.65 -0.13 25.46
C ALA B 113 20.55 0.82 26.65
N ARG B 114 21.11 0.42 27.79
CA ARG B 114 21.01 1.24 28.99
C ARG B 114 21.70 2.58 28.80
N ALA B 115 22.85 2.60 28.13
CA ALA B 115 23.55 3.85 27.87
C ALA B 115 22.68 4.84 27.10
N ARG B 116 21.75 4.34 26.31
CA ARG B 116 20.85 5.19 25.52
C ARG B 116 19.51 5.42 26.20
N GLY B 117 19.40 5.06 27.47
CA GLY B 117 18.21 5.35 28.26
C GLY B 117 17.16 4.28 28.26
N PHE B 118 17.32 3.21 27.51
CA PHE B 118 16.34 2.14 27.51
C PHE B 118 16.42 1.39 28.83
N ARG B 119 15.27 0.98 29.34
CA ARG B 119 15.20 0.34 30.63
C ARG B 119 14.57 -1.04 30.58
N LYS B 120 14.16 -1.51 29.40
CA LYS B 120 13.56 -2.84 29.32
C LYS B 120 13.84 -3.48 27.96
N LEU B 121 14.18 -4.76 27.99
CA LEU B 121 14.38 -5.56 26.79
C LEU B 121 13.32 -6.64 26.69
N HIS B 122 12.89 -6.94 25.47
CA HIS B 122 11.86 -7.92 25.21
C HIS B 122 12.32 -8.85 24.08
N LEU B 123 11.85 -10.09 24.10
CA LEU B 123 12.17 -11.03 23.03
C LEU B 123 11.25 -12.24 23.14
N THR B 124 11.20 -13.03 22.05
CA THR B 124 10.46 -14.28 22.04
C THR B 124 11.40 -15.47 21.86
N THR B 125 10.97 -16.60 22.40
CA THR B 125 11.70 -17.85 22.23
C THR B 125 10.76 -19.00 22.51
N HIS B 126 11.18 -20.21 22.14
CA HIS B 126 10.57 -21.42 22.67
C HIS B 126 11.65 -22.34 23.24
N ASP B 127 12.52 -22.83 22.37
CA ASP B 127 13.50 -23.83 22.78
C ASP B 127 14.56 -23.25 23.70
N GLN B 128 14.85 -21.96 23.60
CA GLN B 128 15.94 -21.34 24.35
C GLN B 128 15.47 -20.59 25.59
N VAL B 129 14.32 -20.96 26.14
CA VAL B 129 13.76 -20.22 27.27
C VAL B 129 14.74 -20.20 28.42
N HIS B 130 15.41 -21.33 28.70
CA HIS B 130 16.28 -21.39 29.88
C HIS B 130 17.58 -20.62 29.68
N PHE B 131 18.03 -20.46 28.43
CA PHE B 131 19.14 -19.55 28.17
C PHE B 131 18.80 -18.15 28.67
N TYR B 132 17.59 -17.69 28.39
CA TYR B 132 17.23 -16.31 28.75
C TYR B 132 16.91 -16.16 30.24
N THR B 133 16.24 -17.16 30.84
CA THR B 133 16.03 -17.10 32.29
C THR B 133 17.34 -17.17 33.04
N HIS B 134 18.28 -17.98 32.55
CA HIS B 134 19.59 -18.03 33.17
C HIS B 134 20.26 -16.64 33.19
N LEU B 135 19.98 -15.81 32.20
CA LEU B 135 20.54 -14.48 32.11
C LEU B 135 19.63 -13.41 32.72
N GLY B 136 18.58 -13.82 33.42
CA GLY B 136 17.76 -12.89 34.18
C GLY B 136 16.49 -12.43 33.52
N TYR B 137 16.12 -13.01 32.37
CA TYR B 137 14.83 -12.69 31.77
C TYR B 137 13.74 -13.46 32.49
N GLN B 138 12.51 -12.96 32.40
CA GLN B 138 11.36 -13.71 32.87
C GLN B 138 10.20 -13.50 31.91
N LEU B 139 9.15 -14.29 32.12
CA LEU B 139 8.00 -14.24 31.22
C LEU B 139 7.35 -12.87 31.28
N GLY B 140 6.96 -12.37 30.11
CA GLY B 140 6.28 -11.09 30.01
C GLY B 140 5.14 -11.13 29.00
N GLU B 141 4.63 -9.96 28.64
CA GLU B 141 3.54 -9.82 27.70
C GLU B 141 4.09 -9.47 26.32
N PRO B 142 3.29 -9.61 25.28
CA PRO B 142 3.78 -9.29 23.94
C PRO B 142 3.95 -7.79 23.74
N VAL B 143 4.86 -7.43 22.82
CA VAL B 143 5.05 -6.07 22.37
C VAL B 143 5.15 -6.11 20.85
N GLN B 144 4.97 -4.95 20.23
CA GLN B 144 5.05 -4.81 18.79
C GLN B 144 6.29 -3.96 18.46
N GLY B 145 7.19 -4.53 17.68
CA GLY B 145 8.36 -3.80 17.25
C GLY B 145 8.07 -2.83 16.13
N LEU B 146 8.81 -1.73 16.11
CA LEU B 146 8.70 -0.74 15.03
C LEU B 146 9.71 -1.08 13.95
N VAL B 147 9.22 -1.20 12.71
CA VAL B 147 10.05 -1.65 11.60
C VAL B 147 10.77 -0.47 10.97
N PHE B 148 11.75 -0.76 10.13
CA PHE B 148 12.49 0.29 9.44
C PHE B 148 11.58 1.13 8.55
N THR B 149 11.74 2.44 8.60
CA THR B 149 11.18 3.38 7.64
C THR B 149 12.28 4.35 7.25
N SER B 150 12.48 4.55 5.96
CA SER B 150 13.54 5.42 5.49
C SER B 150 13.33 6.85 5.98
N ARG B 151 14.45 7.53 6.26
CA ARG B 151 14.42 8.93 6.64
C ARG B 151 13.63 9.77 5.66
N ARG B 152 13.67 9.43 4.37
CA ARG B 152 13.10 10.28 3.33
C ARG B 152 11.58 10.23 3.25
N LEU B 153 10.95 9.17 3.77
CA LEU B 153 9.50 9.08 3.75
C LEU B 153 8.88 10.21 4.57
N PRO B 154 7.61 10.54 4.30
CA PRO B 154 7.05 11.79 4.88
C PRO B 154 7.19 11.96 6.38
N ALA B 155 6.79 10.99 7.18
CA ALA B 155 6.76 11.08 8.63
C ALA B 155 5.58 11.92 9.10
N THR B 156 4.84 12.58 8.19
CA THR B 156 3.56 13.17 8.56
C THR B 156 2.63 12.12 9.15
N LEU B 157 2.70 10.91 8.60
CA LEU B 157 1.86 9.79 8.96
C LEU B 157 2.55 8.95 10.03
N LEU B 190 -39.59 -8.67 20.76
CA LEU B 190 -38.13 -8.85 20.87
C LEU B 190 -37.82 -10.34 20.96
N PRO B 191 -37.46 -10.97 19.84
CA PRO B 191 -37.30 -12.43 19.82
C PRO B 191 -36.01 -12.86 20.50
N PRO B 192 -35.96 -14.11 20.95
CA PRO B 192 -34.77 -14.59 21.67
C PRO B 192 -33.58 -14.76 20.73
N PRO B 193 -32.36 -14.50 21.22
CA PRO B 193 -31.17 -14.70 20.38
C PRO B 193 -30.91 -16.18 20.16
N PRO B 194 -30.50 -16.58 18.96
CA PRO B 194 -30.03 -17.95 18.75
C PRO B 194 -28.71 -18.16 19.48
N PRO B 195 -28.22 -19.39 19.59
CA PRO B 195 -26.97 -19.61 20.33
C PRO B 195 -25.80 -19.02 19.57
N LEU B 196 -24.83 -18.51 20.34
CA LEU B 196 -23.67 -17.86 19.76
C LEU B 196 -22.72 -18.89 19.16
N PRO B 197 -21.75 -18.44 18.35
CA PRO B 197 -20.77 -19.40 17.81
C PRO B 197 -20.01 -20.05 18.95
N GLU B 198 -20.01 -21.38 18.97
CA GLU B 198 -19.22 -22.11 19.96
C GLU B 198 -19.63 -21.65 21.35
N CYS B 199 -20.97 -21.60 21.56
CA CYS B 199 -21.65 -21.13 22.77
C CYS B 199 -22.68 -20.08 22.33
N GLU B 217 -5.47 -14.93 21.40
CA GLU B 217 -4.07 -14.73 21.78
C GLU B 217 -3.14 -15.09 20.62
N THR B 218 -3.37 -14.46 19.47
CA THR B 218 -2.44 -14.56 18.35
C THR B 218 -1.11 -13.88 18.66
N GLN B 219 -1.11 -12.95 19.61
CA GLN B 219 0.13 -12.30 20.03
C GLN B 219 1.13 -13.32 20.59
N TYR B 220 0.63 -14.43 21.14
CA TYR B 220 1.47 -15.42 21.81
C TYR B 220 1.85 -16.59 20.90
N GLN B 221 1.74 -16.42 19.58
CA GLN B 221 2.21 -17.40 18.61
C GLN B 221 3.16 -16.72 17.65
N ASN B 222 4.06 -17.49 17.05
CA ASN B 222 4.98 -16.93 16.07
C ASN B 222 4.40 -17.10 14.67
N VAL B 223 5.22 -16.89 13.64
CA VAL B 223 4.69 -16.83 12.27
C VAL B 223 3.95 -18.12 11.90
N ARG B 224 4.29 -19.24 12.54
CA ARG B 224 3.81 -20.54 12.11
C ARG B 224 2.82 -21.17 13.09
N GLY B 225 2.17 -20.35 13.92
CA GLY B 225 1.18 -20.87 14.83
C GLY B 225 1.75 -21.65 16.00
N ARG B 226 3.02 -21.48 16.25
CA ARG B 226 3.69 -22.09 17.39
C ARG B 226 3.57 -21.18 18.60
N PRO B 227 3.08 -21.67 19.75
CA PRO B 227 3.10 -20.81 20.94
C PRO B 227 4.54 -20.48 21.29
N ILE B 228 4.78 -19.22 21.65
CA ILE B 228 6.11 -18.80 22.03
C ILE B 228 6.02 -18.10 23.37
N PHE B 229 7.13 -18.14 24.11
CA PHE B 229 7.27 -17.35 25.32
C PHE B 229 7.67 -15.93 24.95
N TRP B 230 7.00 -14.96 25.54
CA TRP B 230 7.46 -13.57 25.54
C TRP B 230 8.29 -13.37 26.80
N MET B 231 9.53 -12.93 26.64
CA MET B 231 10.45 -12.70 27.73
C MET B 231 10.77 -11.21 27.84
N GLU B 232 11.15 -10.80 29.04
CA GLU B 232 11.53 -9.41 29.26
C GLU B 232 12.54 -9.35 30.40
N LYS B 233 13.31 -8.26 30.40
CA LYS B 233 14.27 -8.01 31.46
C LYS B 233 14.41 -6.51 31.69
N ASP B 234 14.37 -6.10 32.95
CA ASP B 234 14.65 -4.73 33.31
C ASP B 234 16.14 -4.50 33.30
N ILE B 235 16.56 -3.39 32.70
CA ILE B 235 17.98 -3.04 32.66
C ILE B 235 18.21 -1.61 33.17
N GLY C 3 -29.06 -13.39 26.73
CA GLY C 3 -29.78 -12.38 25.98
C GLY C 3 -28.99 -11.85 24.80
N TRP C 4 -29.52 -10.80 24.17
CA TRP C 4 -28.81 -10.18 23.05
C TRP C 4 -27.54 -9.47 23.52
N ASN C 5 -27.51 -9.03 24.78
CA ASN C 5 -26.32 -8.38 25.31
C ASN C 5 -25.13 -9.31 25.32
N ALA C 6 -25.35 -10.63 25.35
CA ALA C 6 -24.27 -11.58 25.15
C ALA C 6 -23.60 -11.35 23.80
N TYR C 7 -24.39 -11.04 22.78
CA TYR C 7 -23.82 -10.75 21.47
C TYR C 7 -22.97 -9.49 21.49
N ILE C 8 -23.39 -8.50 22.28
CA ILE C 8 -22.62 -7.27 22.39
C ILE C 8 -21.30 -7.52 23.10
N ASP C 9 -21.35 -8.26 24.22
CA ASP C 9 -20.11 -8.66 24.89
C ASP C 9 -19.21 -9.44 23.93
N ASN C 10 -19.81 -10.32 23.13
CA ASN C 10 -19.03 -11.11 22.18
C ASN C 10 -18.34 -10.23 21.15
N LEU C 11 -19.06 -9.23 20.62
CA LEU C 11 -18.47 -8.35 19.62
C LEU C 11 -17.41 -7.45 20.23
N MET C 12 -17.55 -7.09 21.50
CA MET C 12 -16.63 -6.18 22.17
C MET C 12 -15.42 -6.87 22.78
N ALA C 13 -15.40 -8.19 22.80
CA ALA C 13 -14.44 -8.90 23.64
C ALA C 13 -12.99 -8.61 23.27
N ASP C 14 -12.68 -8.54 21.97
CA ASP C 14 -11.29 -8.46 21.55
C ASP C 14 -10.71 -7.04 21.62
N GLY C 15 -11.49 -6.06 22.09
CA GLY C 15 -10.99 -4.72 22.28
C GLY C 15 -10.77 -3.90 21.03
N THR C 16 -11.13 -4.39 19.85
CA THR C 16 -10.93 -3.60 18.64
C THR C 16 -12.03 -2.55 18.44
N CYS C 17 -13.21 -2.75 19.03
CA CYS C 17 -14.37 -1.89 18.77
C CYS C 17 -14.77 -1.12 20.02
N GLN C 18 -15.22 0.11 19.83
CA GLN C 18 -15.70 0.95 20.93
C GLN C 18 -17.21 0.95 21.05
N ASP C 19 -17.93 0.44 20.06
CA ASP C 19 -19.38 0.43 20.07
C ASP C 19 -19.89 -0.73 19.22
N ALA C 20 -21.07 -1.22 19.57
CA ALA C 20 -21.66 -2.35 18.88
C ALA C 20 -23.15 -2.38 19.20
N ALA C 21 -23.94 -2.95 18.29
CA ALA C 21 -25.37 -3.00 18.53
C ALA C 21 -26.04 -3.96 17.58
N ILE C 22 -27.15 -4.52 18.03
CA ILE C 22 -28.08 -5.28 17.22
C ILE C 22 -29.39 -4.50 17.22
N VAL C 23 -29.88 -4.18 16.02
CA VAL C 23 -31.07 -3.34 15.86
C VAL C 23 -32.06 -4.08 14.96
N GLY C 24 -33.32 -4.16 15.41
CA GLY C 24 -34.37 -4.72 14.58
C GLY C 24 -34.86 -3.66 13.62
N TYR C 25 -35.02 -4.05 12.35
CA TYR C 25 -35.41 -3.08 11.32
C TYR C 25 -36.73 -3.41 10.64
N LYS C 26 -37.44 -4.43 11.10
CA LYS C 26 -38.72 -4.77 10.48
C LYS C 26 -39.88 -4.32 11.35
N ASP C 27 -40.98 -3.95 10.68
CA ASP C 27 -42.14 -3.37 11.35
C ASP C 27 -41.72 -2.05 12.00
N SER C 28 -41.64 -2.01 13.32
CA SER C 28 -41.20 -0.80 14.03
C SER C 28 -39.78 -1.02 14.55
N PRO C 29 -38.78 -0.31 14.02
CA PRO C 29 -37.39 -0.62 14.40
C PRO C 29 -37.11 -0.26 15.84
N SER C 30 -36.14 -0.97 16.42
CA SER C 30 -35.68 -0.64 17.76
C SER C 30 -34.35 -1.33 18.03
N VAL C 31 -33.59 -0.74 18.95
CA VAL C 31 -32.31 -1.28 19.40
C VAL C 31 -32.58 -2.49 20.27
N TRP C 32 -32.19 -3.69 19.80
CA TRP C 32 -32.34 -4.88 20.62
C TRP C 32 -31.25 -4.97 21.69
N ALA C 33 -30.03 -4.55 21.37
CA ALA C 33 -28.92 -4.52 22.32
C ALA C 33 -27.86 -3.57 21.78
N ALA C 34 -27.18 -2.89 22.70
CA ALA C 34 -26.14 -1.94 22.33
C ALA C 34 -25.24 -1.69 23.54
N VAL C 35 -24.07 -1.14 23.26
CA VAL C 35 -23.14 -0.73 24.31
C VAL C 35 -23.76 0.45 25.04
N PRO C 36 -23.99 0.37 26.35
CA PRO C 36 -24.59 1.51 27.05
C PRO C 36 -23.64 2.70 27.06
N GLY C 37 -24.22 3.90 26.98
CA GLY C 37 -23.45 5.11 27.05
C GLY C 37 -22.73 5.52 25.78
N LYS C 38 -22.93 4.81 24.68
CA LYS C 38 -22.23 5.14 23.44
C LYS C 38 -23.20 5.68 22.39
N THR C 39 -23.00 5.36 21.12
CA THR C 39 -23.75 6.03 20.05
C THR C 39 -24.89 5.19 19.49
N PHE C 40 -24.62 3.91 19.18
CA PHE C 40 -25.60 3.10 18.49
C PHE C 40 -26.86 2.91 19.32
N VAL C 41 -26.74 2.92 20.65
CA VAL C 41 -27.90 2.73 21.51
C VAL C 41 -28.99 3.77 21.20
N ASN C 42 -28.60 4.94 20.71
CA ASN C 42 -29.51 6.03 20.45
C ASN C 42 -30.03 6.07 19.00
N ILE C 43 -29.82 5.00 18.24
CA ILE C 43 -30.27 4.99 16.84
C ILE C 43 -31.79 5.12 16.80
N THR C 44 -32.29 5.94 15.84
CA THR C 44 -33.71 6.22 15.73
C THR C 44 -34.33 5.42 14.59
N PRO C 45 -35.65 5.30 14.58
CA PRO C 45 -36.30 4.65 13.44
C PRO C 45 -36.03 5.32 12.10
N ALA C 46 -35.96 6.66 12.10
CA ALA C 46 -35.70 7.37 10.84
C ALA C 46 -34.30 7.06 10.31
N GLU C 47 -33.33 6.91 11.21
CA GLU C 47 -31.99 6.53 10.78
C GLU C 47 -31.98 5.11 10.22
N VAL C 48 -32.72 4.20 10.85
CA VAL C 48 -32.83 2.85 10.32
C VAL C 48 -33.45 2.89 8.93
N GLY C 49 -34.49 3.70 8.76
CA GLY C 49 -35.15 3.78 7.46
C GLY C 49 -34.22 4.27 6.38
N VAL C 50 -33.35 5.23 6.69
CA VAL C 50 -32.36 5.67 5.72
C VAL C 50 -31.40 4.54 5.39
N LEU C 51 -30.96 3.80 6.40
CA LEU C 51 -30.01 2.71 6.15
C LEU C 51 -30.59 1.68 5.19
N VAL C 52 -31.86 1.31 5.35
CA VAL C 52 -32.45 0.23 4.58
C VAL C 52 -33.41 0.75 3.50
N GLY C 53 -33.44 2.07 3.26
CA GLY C 53 -34.44 2.66 2.41
C GLY C 53 -34.14 2.53 0.92
N LYS C 54 -35.09 3.02 0.12
CA LYS C 54 -35.00 2.91 -1.33
C LYS C 54 -34.00 3.88 -1.92
N ASP C 55 -33.83 5.06 -1.30
CA ASP C 55 -32.90 6.06 -1.82
C ASP C 55 -31.49 5.67 -1.39
N ARG C 56 -30.71 5.13 -2.34
CA ARG C 56 -29.33 4.75 -2.10
C ARG C 56 -28.35 5.74 -2.70
N SER C 57 -28.74 6.99 -2.85
CA SER C 57 -27.88 7.98 -3.49
C SER C 57 -27.70 9.25 -2.69
N SER C 58 -28.76 9.73 -2.02
CA SER C 58 -28.65 11.02 -1.34
C SER C 58 -27.62 11.01 -0.21
N PHE C 59 -27.44 9.88 0.47
CA PHE C 59 -26.53 9.91 1.62
C PHE C 59 -25.07 10.04 1.20
N TYR C 60 -24.76 9.96 -0.10
CA TYR C 60 -23.39 10.21 -0.54
C TYR C 60 -23.04 11.68 -0.42
N VAL C 61 -23.96 12.56 -0.83
CA VAL C 61 -23.68 14.00 -0.74
C VAL C 61 -24.10 14.57 0.62
N ASN C 62 -25.12 14.00 1.25
CA ASN C 62 -25.64 14.50 2.51
C ASN C 62 -25.15 13.73 3.73
N GLY C 63 -24.49 12.61 3.52
CA GLY C 63 -24.14 11.75 4.63
C GLY C 63 -25.40 11.17 5.29
N LEU C 64 -25.18 10.52 6.42
CA LEU C 64 -26.29 10.01 7.23
C LEU C 64 -25.85 10.05 8.68
N THR C 65 -26.79 9.80 9.59
CA THR C 65 -26.49 9.79 11.01
C THR C 65 -26.82 8.43 11.63
N LEU C 66 -26.08 8.11 12.70
CA LEU C 66 -26.29 6.91 13.50
C LEU C 66 -26.28 7.36 14.95
N GLY C 67 -27.43 7.27 15.62
CA GLY C 67 -27.54 7.82 16.96
C GLY C 67 -27.17 9.30 16.99
N GLY C 68 -27.45 9.99 15.89
CA GLY C 68 -27.12 11.40 15.75
C GLY C 68 -25.68 11.69 15.38
N GLN C 69 -24.81 10.68 15.34
CA GLN C 69 -23.44 10.88 14.92
C GLN C 69 -23.39 10.93 13.40
N LYS C 70 -22.88 12.04 12.85
CA LYS C 70 -22.77 12.18 11.40
C LYS C 70 -21.70 11.23 10.86
N CYS C 71 -22.03 10.54 9.77
CA CYS C 71 -21.13 9.61 9.12
C CYS C 71 -21.11 9.89 7.62
N SER C 72 -20.02 9.48 6.98
CA SER C 72 -19.84 9.53 5.53
C SER C 72 -19.81 8.11 5.00
N VAL C 73 -20.54 7.86 3.92
CA VAL C 73 -20.64 6.51 3.37
C VAL C 73 -19.43 6.25 2.47
N ILE C 74 -18.74 5.15 2.73
CA ILE C 74 -17.60 4.75 1.91
C ILE C 74 -18.06 3.74 0.86
N ARG C 75 -18.66 2.65 1.31
CA ARG C 75 -19.19 1.63 0.42
C ARG C 75 -20.62 1.29 0.85
N ASP C 76 -21.51 1.08 -0.13
CA ASP C 76 -22.87 0.64 0.15
C ASP C 76 -23.19 -0.61 -0.64
N SER C 77 -23.33 -1.73 0.05
CA SER C 77 -23.83 -2.99 -0.50
C SER C 77 -24.91 -3.57 0.38
N LEU C 78 -25.57 -2.73 1.18
CA LEU C 78 -26.39 -3.23 2.28
C LEU C 78 -27.58 -4.04 1.80
N LEU C 79 -28.10 -3.74 0.62
CA LEU C 79 -29.24 -4.46 0.07
C LEU C 79 -28.85 -5.43 -1.04
N GLN C 80 -27.56 -5.71 -1.20
CA GLN C 80 -27.09 -6.50 -2.34
C GLN C 80 -26.78 -7.93 -1.91
N ASP C 81 -27.25 -8.88 -2.72
CA ASP C 81 -27.11 -10.29 -2.42
C ASP C 81 -25.65 -10.67 -2.17
N GLY C 82 -25.44 -11.47 -1.12
CA GLY C 82 -24.13 -11.97 -0.79
C GLY C 82 -23.21 -10.99 -0.11
N GLU C 83 -23.57 -9.71 -0.05
CA GLU C 83 -22.76 -8.70 0.61
C GLU C 83 -23.45 -8.14 1.84
N PHE C 84 -24.59 -7.48 1.66
CA PHE C 84 -25.42 -7.00 2.77
C PHE C 84 -24.60 -6.25 3.82
N SER C 85 -23.77 -5.34 3.34
CA SER C 85 -22.92 -4.56 4.22
C SER C 85 -22.77 -3.14 3.69
N MET C 86 -22.54 -2.22 4.62
CA MET C 86 -22.25 -0.82 4.33
C MET C 86 -21.09 -0.40 5.22
N ASP C 87 -20.11 0.28 4.63
CA ASP C 87 -18.94 0.79 5.34
C ASP C 87 -19.02 2.30 5.41
N LEU C 88 -18.77 2.85 6.60
CA LEU C 88 -18.82 4.29 6.84
C LEU C 88 -17.60 4.71 7.65
N ARG C 89 -17.39 6.02 7.68
CA ARG C 89 -16.41 6.67 8.55
C ARG C 89 -17.10 7.88 9.18
N THR C 90 -16.95 8.04 10.49
CA THR C 90 -17.58 9.16 11.15
C THR C 90 -16.96 10.47 10.67
N LYS C 91 -17.69 11.57 10.90
CA LYS C 91 -17.21 12.91 10.68
C LYS C 91 -17.15 13.65 12.02
N SER C 92 -16.15 14.51 12.16
CA SER C 92 -15.89 15.23 13.41
C SER C 92 -15.67 16.71 13.13
N THR C 93 -15.57 17.49 14.21
CA THR C 93 -15.17 18.89 14.14
C THR C 93 -13.91 19.10 14.97
N GLY C 94 -13.19 20.16 14.64
CA GLY C 94 -12.07 20.59 15.46
C GLY C 94 -10.98 19.54 15.63
N GLY C 95 -10.70 18.77 14.58
CA GLY C 95 -9.60 17.84 14.60
C GLY C 95 -9.81 16.59 15.43
N ALA C 96 -11.00 16.39 16.00
CA ALA C 96 -11.23 15.20 16.80
C ALA C 96 -11.15 13.95 15.92
N PRO C 97 -10.73 12.82 16.47
CA PRO C 97 -10.57 11.61 15.66
C PRO C 97 -11.90 11.11 15.12
N THR C 98 -11.81 10.37 14.01
CA THR C 98 -12.96 9.73 13.39
C THR C 98 -12.72 8.24 13.35
N PHE C 99 -13.78 7.47 13.12
CA PHE C 99 -13.75 6.03 13.31
C PHE C 99 -14.49 5.34 12.19
N ASN C 100 -14.07 4.11 11.91
CA ASN C 100 -14.71 3.30 10.89
C ASN C 100 -15.89 2.54 11.47
N VAL C 101 -16.96 2.44 10.68
CA VAL C 101 -18.19 1.75 11.05
C VAL C 101 -18.55 0.81 9.91
N THR C 102 -19.00 -0.39 10.27
CA THR C 102 -19.64 -1.28 9.31
C THR C 102 -21.03 -1.64 9.82
N VAL C 103 -21.99 -1.63 8.90
CA VAL C 103 -23.35 -2.07 9.14
C VAL C 103 -23.58 -3.29 8.24
N THR C 104 -24.12 -4.36 8.82
CA THR C 104 -24.53 -5.53 8.04
C THR C 104 -26.00 -5.81 8.29
N LYS C 105 -26.65 -6.38 7.28
CA LYS C 105 -28.10 -6.59 7.29
C LYS C 105 -28.39 -8.09 7.25
N THR C 106 -29.10 -8.57 8.26
CA THR C 106 -29.53 -9.96 8.33
C THR C 106 -31.01 -10.00 7.97
N ASP C 107 -31.65 -11.16 8.17
CA ASP C 107 -33.06 -11.25 7.82
C ASP C 107 -33.93 -10.39 8.72
N LYS C 108 -33.55 -10.24 9.99
CA LYS C 108 -34.35 -9.43 10.90
C LYS C 108 -33.60 -8.35 11.68
N THR C 109 -32.29 -8.23 11.48
CA THR C 109 -31.55 -7.22 12.22
C THR C 109 -30.55 -6.49 11.34
N LEU C 110 -30.08 -5.37 11.88
CA LEU C 110 -28.85 -4.72 11.45
C LEU C 110 -27.81 -4.91 12.55
N VAL C 111 -26.60 -5.29 12.15
CA VAL C 111 -25.48 -5.45 13.07
C VAL C 111 -24.53 -4.28 12.82
N LEU C 112 -24.26 -3.49 13.85
CA LEU C 112 -23.41 -2.31 13.73
C LEU C 112 -22.19 -2.44 14.63
N LEU C 113 -21.06 -1.96 14.12
CA LEU C 113 -19.80 -1.97 14.85
C LEU C 113 -19.07 -0.67 14.56
N MET C 114 -18.44 -0.11 15.59
CA MET C 114 -17.57 1.06 15.42
C MET C 114 -16.21 0.75 16.02
N GLY C 115 -15.16 0.94 15.23
CA GLY C 115 -13.83 0.67 15.70
C GLY C 115 -13.29 1.77 16.58
N LYS C 116 -12.31 1.40 17.40
CA LYS C 116 -11.55 2.41 18.13
C LYS C 116 -10.65 3.16 17.16
N GLU C 117 -10.00 4.19 17.67
CA GLU C 117 -9.09 5.00 16.85
C GLU C 117 -8.00 4.12 16.25
N GLY C 118 -7.71 4.35 14.97
CA GLY C 118 -6.68 3.63 14.26
C GLY C 118 -7.06 2.25 13.78
N VAL C 119 -8.21 1.73 14.18
CA VAL C 119 -8.62 0.39 13.76
C VAL C 119 -9.12 0.45 12.33
N HIS C 120 -8.54 -0.39 11.47
CA HIS C 120 -8.82 -0.35 10.03
C HIS C 120 -10.23 -0.82 9.73
N GLY C 121 -10.86 -0.17 8.74
CA GLY C 121 -12.23 -0.52 8.39
C GLY C 121 -12.38 -1.96 7.92
N GLY C 122 -11.31 -2.54 7.38
CA GLY C 122 -11.40 -3.91 6.91
C GLY C 122 -11.55 -4.91 8.04
N LEU C 123 -10.83 -4.68 9.14
CA LEU C 123 -11.01 -5.53 10.31
C LEU C 123 -12.44 -5.44 10.83
N ILE C 124 -13.00 -4.24 10.91
CA ILE C 124 -14.35 -4.06 11.40
C ILE C 124 -15.36 -4.72 10.45
N ASN C 125 -15.17 -4.56 9.15
CA ASN C 125 -16.08 -5.18 8.19
C ASN C 125 -16.06 -6.70 8.35
N LYS C 126 -14.86 -7.28 8.42
CA LYS C 126 -14.77 -8.73 8.54
C LYS C 126 -15.49 -9.21 9.80
N LYS C 127 -15.27 -8.51 10.91
CA LYS C 127 -15.93 -8.85 12.16
C LYS C 127 -17.44 -8.79 12.04
N CYS C 128 -17.95 -7.70 11.44
CA CYS C 128 -19.39 -7.53 11.31
C CYS C 128 -19.98 -8.55 10.35
N TYR C 129 -19.28 -8.81 9.24
CA TYR C 129 -19.76 -9.78 8.26
C TYR C 129 -19.88 -11.18 8.86
N GLU C 130 -18.93 -11.56 9.73
CA GLU C 130 -18.96 -12.89 10.32
C GLU C 130 -20.11 -13.03 11.32
N MET C 131 -20.35 -11.99 12.13
CA MET C 131 -21.50 -12.05 13.03
C MET C 131 -22.81 -12.12 12.26
N ALA C 132 -22.91 -11.38 11.15
CA ALA C 132 -24.13 -11.41 10.34
C ALA C 132 -24.31 -12.79 9.72
N SER C 133 -23.22 -13.39 9.21
CA SER C 133 -23.31 -14.75 8.68
C SER C 133 -23.79 -15.71 9.75
N HIS C 134 -23.32 -15.55 10.99
CA HIS C 134 -23.76 -16.40 12.08
C HIS C 134 -25.27 -16.26 12.32
N LEU C 135 -25.77 -15.02 12.31
CA LEU C 135 -27.19 -14.81 12.58
C LEU C 135 -28.06 -15.30 11.43
N ARG C 136 -27.63 -15.04 10.19
CA ARG C 136 -28.35 -15.58 9.04
C ARG C 136 -28.42 -17.10 9.11
N ARG C 137 -27.32 -17.74 9.52
CA ARG C 137 -27.29 -19.19 9.66
C ARG C 137 -28.47 -19.68 10.50
N SER C 138 -28.90 -18.88 11.48
CA SER C 138 -29.91 -19.29 12.44
C SER C 138 -31.24 -18.58 12.22
N GLN C 139 -31.53 -18.16 10.99
CA GLN C 139 -32.81 -17.57 10.57
C GLN C 139 -33.00 -16.12 10.98
N TYR C 140 -31.98 -15.46 11.49
CA TYR C 140 -32.13 -14.08 11.96
C TYR C 140 -31.53 -13.08 10.97
#